data_7BI2
#
_entry.id   7BI2
#
_cell.length_a   82.557
_cell.length_b   115.887
_cell.length_c   144.365
_cell.angle_alpha   90.000
_cell.angle_beta   90.000
_cell.angle_gamma   90.000
#
_symmetry.space_group_name_H-M   'P 21 21 21'
#
loop_
_entity.id
_entity.type
_entity.pdbx_description
1 polymer 'Phosphatidylinositol 4-phosphate 3-kinase C2 domain-containing subunit alpha,Phosphatidylinositol 4-phosphate 3-kinase C2 domain-containing subunit alpha'
2 non-polymer 1,2-ETHANEDIOL
3 non-polymer 9-(6-aminopyridin-3-yl)-1-[3-(trifluoromethyl)phenyl]benzo[h][1,6]naphthyridin-2(1H)-one
4 non-polymer 'IODIDE ION'
5 water water
#
_entity_poly.entity_id   1
_entity_poly.type   'polypeptide(L)'
_entity_poly.pdbx_seq_one_letter_code
;GAVQNDEVAAFCQSIMKLKTKFPYTDHCTNPGYLLSPVTVQRNMCGENASVKVSIEIEGLQLPVTFTCDVSSTVEIIIMQ
ALCWVHDDLNQVDVGSYILKVCGQEEVLQNNHCLGSHEHIQNCRKWDTEIKLQLLTLSAMCQNLARTAEDDEAPVDLNGS
GSVMTRHPVEELLDSYHYQVELALQTENQHRAVDQVIKAVRKICSALDGVETPSVTEAVKKLKRAVNLPRNKSADVTSLS
GSDTRKNSTKGSLNPENPVQVSMDHLTTAIYDLLRLHANSSRCSTGCPRGSRNIKEAWTATEQLQFTVYAAHGISSNWVS
NYEKYYLICSLSHNGKDLFKPIQSKKVGTYKNFFYLIKWDELIIFPIQISQLPLESVLHLTLFGVLNQSSGSSPDSNKQR
KGPEALGKVSLTLFDFKRFLTCGTKLLYLWTSSHTNSIPGAIPKKSYVMERIVLQVDFPSPAFDIIYTSPQIDRNIIQQD
KLETLESDIKGKLLDIIHRDSSFGLSKEDKVFLWENRYYCLKHPNCLPKILASAPNWKWANLAKTYSLLHQWPPLCPLAA
LELLDAKFADQEVRSLAVSWMEAISDDELADLLPQFVQALKYEIYLNSSLVRFLLSRALGNIQIAHSLYWLLKDALHDTH
FGSRYEHVLGALLSVGGKGLREELSKQMKLVQLLGGVAEKVRQASGSTRQVVLQKSMERVQSFFLRNKCRLPLKPSLVAK
ELNIKSCSFFSSNAMPLKVTMVNADPLGEEINVMFKVGEDLRQDMLALQMIKIMDKIWLKEGLDLRMVIFRCLSTGRDRG
MVELVPASDTLRKIQVEYGVTGSFKDKPLAEWLRKYNPSEEEYEKASENFIYSCAGCCVATYVLGICDRHNDNIMLRSTG
HMFHIDFGKFLGHAQMFGSFKRDRAPFVLTSDMAYVINGGEKPTIRFQLFVDLCCQAYNLIRKQTNLFLNLLSLMIPSGL
PELTSIQDLKYVRDALQPQTTDAEATIFFTRLIESSLGSIATKFNFFIHNLAQLRFSGLPSNDEPILSFSPKTYSFRQDG
RIKEVSVFTYHKKYNPDKHYIYVVRILREGHLEPSFVFRTFDEFQELHNKLSIIFPLWKLPGFPNRMVLGRTHIKDVAAK
RKIELNSYLQSLMNASTDVAECDLVCTFFHPLLRDEK
;
_entity_poly.pdbx_strand_id   A
#
loop_
_chem_comp.id
_chem_comp.type
_chem_comp.name
_chem_comp.formula
17G non-polymer 9-(6-aminopyridin-3-yl)-1-[3-(trifluoromethyl)phenyl]benzo[h][1,6]naphthyridin-2(1H)-one 'C24 H15 F3 N4 O'
EDO non-polymer 1,2-ETHANEDIOL 'C2 H6 O2'
IOD non-polymer 'IODIDE ION' 'I -1'
#
# COMPACT_ATOMS: atom_id res chain seq x y z
N GLN A 4 -4.25 -22.20 15.95
CA GLN A 4 -4.63 -20.75 15.99
C GLN A 4 -4.39 -20.19 17.40
N ASN A 5 -5.08 -20.72 18.41
CA ASN A 5 -5.05 -20.22 19.82
C ASN A 5 -3.70 -20.54 20.47
N ASP A 6 -2.96 -21.54 19.96
CA ASP A 6 -1.58 -21.85 20.41
C ASP A 6 -0.62 -20.78 19.88
N GLU A 7 -0.81 -20.35 18.63
CA GLU A 7 -0.06 -19.24 18.00
C GLU A 7 -0.37 -17.94 18.76
N VAL A 8 -1.65 -17.71 19.09
CA VAL A 8 -2.15 -16.50 19.80
C VAL A 8 -1.54 -16.47 21.22
N ALA A 9 -1.44 -17.63 21.88
CA ALA A 9 -0.84 -17.76 23.23
C ALA A 9 0.64 -17.37 23.18
N ALA A 10 1.38 -17.92 22.21
CA ALA A 10 2.82 -17.62 21.95
C ALA A 10 2.98 -16.10 21.73
N PHE A 11 2.10 -15.51 20.90
CA PHE A 11 2.07 -14.06 20.59
C PHE A 11 1.88 -13.27 21.88
N CYS A 12 0.85 -13.61 22.67
CA CYS A 12 0.51 -12.93 23.94
C CYS A 12 1.71 -13.00 24.90
N GLN A 13 2.38 -14.15 24.98
CA GLN A 13 3.59 -14.34 25.84
C GLN A 13 4.68 -13.35 25.39
N SER A 14 4.97 -13.29 24.08
CA SER A 14 6.00 -12.39 23.49
C SER A 14 5.64 -10.92 23.72
N ILE A 15 4.34 -10.59 23.78
CA ILE A 15 3.88 -9.21 24.14
C ILE A 15 4.23 -8.94 25.60
N MET A 16 3.90 -9.87 26.51
CA MET A 16 4.24 -9.77 27.95
C MET A 16 5.75 -9.55 28.09
N LYS A 17 6.57 -10.25 27.30
CA LYS A 17 8.05 -10.05 27.28
C LYS A 17 8.37 -8.63 26.82
N LEU A 18 7.71 -8.14 25.76
CA LEU A 18 8.00 -6.79 25.18
C LEU A 18 7.72 -5.70 26.24
N LYS A 19 6.75 -5.92 27.12
CA LYS A 19 6.30 -4.91 28.13
C LYS A 19 7.38 -4.65 29.18
N THR A 20 8.31 -5.59 29.39
CA THR A 20 9.39 -5.49 30.40
C THR A 20 10.29 -4.28 30.10
N LYS A 21 10.62 -4.05 28.82
CA LYS A 21 11.54 -2.96 28.40
C LYS A 21 10.84 -1.59 28.47
N PHE A 22 9.54 -1.56 28.77
CA PHE A 22 8.74 -0.32 28.94
C PHE A 22 7.99 -0.35 30.27
N PRO A 23 8.70 -0.22 31.42
CA PRO A 23 8.03 -0.15 32.71
C PRO A 23 7.41 1.25 32.90
N TYR A 24 6.28 1.33 33.59
CA TYR A 24 5.51 2.58 33.81
C TYR A 24 6.37 3.59 34.57
N THR A 25 7.34 3.12 35.37
CA THR A 25 8.22 3.96 36.23
C THR A 25 9.16 4.80 35.37
N ASP A 26 9.55 4.30 34.19
CA ASP A 26 10.42 5.03 33.22
C ASP A 26 9.58 6.09 32.50
N HIS A 27 9.86 7.37 32.73
CA HIS A 27 9.09 8.52 32.18
C HIS A 27 9.30 8.62 30.67
N CYS A 28 10.48 8.27 30.17
CA CYS A 28 10.85 8.37 28.73
C CYS A 28 9.87 7.56 27.87
N THR A 29 9.65 6.28 28.20
CA THR A 29 8.79 5.34 27.43
C THR A 29 7.30 5.60 27.72
N ASN A 30 6.97 6.04 28.94
CA ASN A 30 5.58 6.35 29.38
C ASN A 30 5.56 7.77 29.93
N PRO A 31 5.53 8.81 29.05
CA PRO A 31 5.41 10.19 29.52
C PRO A 31 3.99 10.51 30.01
N GLY A 32 2.97 10.09 29.26
CA GLY A 32 1.55 10.36 29.53
C GLY A 32 1.04 11.54 28.73
N TYR A 33 1.91 12.10 27.88
CA TYR A 33 1.60 13.27 27.01
C TYR A 33 2.25 13.06 25.63
N LEU A 34 1.69 13.72 24.63
CA LEU A 34 2.20 13.76 23.23
C LEU A 34 3.46 14.60 23.20
N LEU A 35 4.44 14.22 22.39
CA LEU A 35 5.59 15.07 22.03
C LEU A 35 5.23 15.90 20.80
N SER A 36 5.75 17.13 20.70
CA SER A 36 5.53 18.05 19.56
C SER A 36 6.35 17.55 18.37
N PRO A 37 5.72 17.15 17.24
CA PRO A 37 6.45 16.58 16.11
C PRO A 37 7.47 17.56 15.52
N VAL A 38 8.66 17.06 15.16
CA VAL A 38 9.81 17.87 14.65
C VAL A 38 10.25 17.33 13.29
N THR A 39 10.63 18.23 12.38
CA THR A 39 11.22 17.92 11.05
C THR A 39 12.51 18.73 10.90
N VAL A 40 13.66 18.05 10.86
CA VAL A 40 15.00 18.70 10.73
C VAL A 40 15.04 19.51 9.43
N GLN A 41 15.04 20.84 9.56
CA GLN A 41 15.11 21.81 8.43
C GLN A 41 16.53 22.38 8.35
N ARG A 42 17.07 22.52 7.14
CA ARG A 42 18.41 23.09 6.84
C ARG A 42 18.27 24.61 6.62
N ASN A 43 18.83 25.40 7.55
CA ASN A 43 18.96 26.89 7.45
C ASN A 43 17.57 27.52 7.35
N ALA A 49 18.02 33.82 12.01
CA ALA A 49 16.64 34.30 12.23
C ALA A 49 16.26 34.15 13.71
N SER A 50 15.39 35.05 14.18
CA SER A 50 14.84 35.07 15.56
C SER A 50 13.38 35.52 15.51
N VAL A 51 12.57 35.09 16.49
CA VAL A 51 11.12 35.41 16.59
C VAL A 51 10.77 35.69 18.05
N LYS A 52 9.67 36.42 18.28
CA LYS A 52 9.10 36.68 19.63
C LYS A 52 8.40 35.41 20.12
N VAL A 53 8.51 35.12 21.41
CA VAL A 53 7.83 33.98 22.11
C VAL A 53 7.33 34.47 23.46
N SER A 54 6.07 34.17 23.79
CA SER A 54 5.44 34.46 25.09
C SER A 54 5.34 33.16 25.89
N ILE A 55 6.06 33.08 27.01
CA ILE A 55 6.13 31.87 27.88
C ILE A 55 5.41 32.16 29.21
N GLU A 56 4.24 31.54 29.42
CA GLU A 56 3.56 31.54 30.75
C GLU A 56 4.53 30.91 31.75
N ILE A 57 4.62 31.47 32.95
CA ILE A 57 5.42 30.93 34.08
C ILE A 57 4.57 31.02 35.35
N GLU A 58 4.74 30.06 36.26
CA GLU A 58 3.95 29.93 37.51
C GLU A 58 4.30 31.10 38.45
N GLY A 59 3.28 31.79 38.97
CA GLY A 59 3.42 32.88 39.96
C GLY A 59 3.13 34.24 39.37
N LEU A 60 3.36 34.40 38.05
CA LEU A 60 3.23 35.68 37.31
C LEU A 60 1.86 35.73 36.61
N GLN A 61 1.18 36.88 36.65
CA GLN A 61 -0.11 37.13 35.93
C GLN A 61 0.13 37.09 34.42
N LEU A 62 1.09 37.88 33.95
CA LEU A 62 1.40 38.07 32.51
C LEU A 62 2.59 37.20 32.12
N PRO A 63 2.58 36.56 30.92
CA PRO A 63 3.71 35.77 30.46
C PRO A 63 4.89 36.68 30.07
N VAL A 64 6.11 36.14 30.14
CA VAL A 64 7.36 36.84 29.71
C VAL A 64 7.44 36.76 28.18
N THR A 65 7.56 37.91 27.52
CA THR A 65 7.68 38.03 26.04
C THR A 65 9.07 38.56 25.70
N PHE A 66 9.79 37.86 24.83
CA PHE A 66 11.15 38.23 24.37
C PHE A 66 11.47 37.53 23.05
N THR A 67 12.37 38.13 22.27
CA THR A 67 12.86 37.58 20.97
C THR A 67 13.82 36.42 21.29
N CYS A 68 13.54 35.24 20.76
CA CYS A 68 14.34 34.00 20.99
C CYS A 68 14.87 33.49 19.65
N ASP A 69 16.19 33.35 19.52
CA ASP A 69 16.86 32.86 18.28
C ASP A 69 16.53 31.39 18.06
N VAL A 70 16.30 31.02 16.80
CA VAL A 70 15.74 29.70 16.38
C VAL A 70 16.79 28.60 16.60
N SER A 71 18.06 28.88 16.31
CA SER A 71 19.18 27.90 16.37
C SER A 71 19.27 27.27 17.76
N SER A 72 18.97 28.05 18.81
CA SER A 72 19.10 27.66 20.24
C SER A 72 18.13 26.52 20.57
N THR A 73 18.61 25.52 21.32
CA THR A 73 17.82 24.35 21.77
C THR A 73 16.75 24.82 22.77
N VAL A 74 15.81 23.94 23.12
CA VAL A 74 14.67 24.27 24.03
C VAL A 74 15.22 24.41 25.46
N GLU A 75 16.16 23.56 25.85
CA GLU A 75 16.78 23.52 27.21
C GLU A 75 17.25 24.93 27.60
N ILE A 76 18.07 25.57 26.76
CA ILE A 76 18.64 26.94 27.01
C ILE A 76 17.49 27.96 27.05
N ILE A 77 16.42 27.76 26.27
CA ILE A 77 15.23 28.66 26.22
C ILE A 77 14.48 28.61 27.55
N ILE A 78 14.36 27.41 28.14
CA ILE A 78 13.79 27.22 29.51
C ILE A 78 14.67 27.99 30.50
N MET A 79 15.99 27.87 30.39
CA MET A 79 16.97 28.52 31.31
C MET A 79 16.89 30.04 31.17
N GLN A 80 16.65 30.54 29.95
CA GLN A 80 16.46 32.00 29.67
C GLN A 80 15.22 32.51 30.39
N ALA A 81 14.13 31.73 30.39
CA ALA A 81 12.84 32.05 31.03
C ALA A 81 13.02 32.08 32.56
N LEU A 82 13.72 31.08 33.12
CA LEU A 82 13.93 30.91 34.59
C LEU A 82 14.54 32.17 35.21
N CYS A 83 15.16 33.05 34.42
CA CYS A 83 15.92 34.22 34.92
C CYS A 83 14.96 35.32 35.40
N TRP A 84 13.81 35.52 34.74
CA TRP A 84 12.85 36.61 35.05
C TRP A 84 11.99 36.28 36.27
N VAL A 85 11.95 35.00 36.70
CA VAL A 85 11.24 34.54 37.92
C VAL A 85 12.26 34.44 39.07
N ASP A 93 15.59 22.52 40.61
CA ASP A 93 15.54 21.32 39.74
C ASP A 93 15.45 21.77 38.28
N VAL A 94 16.39 21.32 37.43
CA VAL A 94 16.52 21.72 35.99
C VAL A 94 15.71 20.75 35.13
N GLY A 95 15.84 19.44 35.35
CA GLY A 95 15.20 18.38 34.55
C GLY A 95 13.68 18.42 34.63
N SER A 96 13.11 18.99 35.69
CA SER A 96 11.65 18.97 36.01
C SER A 96 10.87 19.96 35.13
N TYR A 97 11.49 21.06 34.70
CA TYR A 97 10.85 22.12 33.87
C TYR A 97 10.80 21.66 32.41
N ILE A 98 9.64 21.84 31.76
CA ILE A 98 9.38 21.51 30.33
C ILE A 98 8.53 22.63 29.72
N LEU A 99 8.54 22.77 28.40
CA LEU A 99 7.71 23.74 27.65
C LEU A 99 6.63 22.99 26.88
N LYS A 100 5.38 23.44 26.97
CA LYS A 100 4.24 22.89 26.20
C LYS A 100 3.64 23.99 25.33
N VAL A 101 2.85 23.62 24.33
CA VAL A 101 2.12 24.59 23.45
C VAL A 101 0.83 24.99 24.16
N CYS A 102 0.56 26.29 24.24
CA CYS A 102 -0.65 26.82 24.91
C CYS A 102 -1.90 26.27 24.21
N GLY A 103 -2.79 25.66 24.99
CA GLY A 103 -4.07 25.11 24.49
C GLY A 103 -3.91 23.74 23.87
N GLN A 104 -2.67 23.24 23.74
CA GLN A 104 -2.40 21.90 23.16
C GLN A 104 -1.60 21.07 24.18
N GLU A 105 -2.07 19.86 24.47
CA GLU A 105 -1.43 18.89 25.39
C GLU A 105 -0.31 18.19 24.62
N GLU A 106 0.65 18.96 24.08
CA GLU A 106 1.87 18.45 23.42
C GLU A 106 3.08 19.25 23.89
N VAL A 107 4.09 18.55 24.38
CA VAL A 107 5.34 19.08 24.98
C VAL A 107 6.40 19.15 23.88
N LEU A 108 7.23 20.19 23.91
CA LEU A 108 8.36 20.34 22.95
C LEU A 108 9.47 19.37 23.34
N GLN A 109 10.30 18.99 22.36
CA GLN A 109 11.52 18.17 22.55
C GLN A 109 12.52 19.03 23.34
N ASN A 110 13.31 18.41 24.23
CA ASN A 110 14.22 19.12 25.17
C ASN A 110 15.53 19.50 24.45
N ASN A 111 16.12 18.56 23.69
CA ASN A 111 17.45 18.71 23.06
CA ASN A 111 17.45 18.70 23.06
C ASN A 111 17.30 18.91 21.55
N HIS A 112 16.26 19.63 21.12
CA HIS A 112 16.02 20.02 19.71
C HIS A 112 15.83 21.53 19.62
N CYS A 113 16.35 22.14 18.56
CA CYS A 113 16.18 23.60 18.29
C CYS A 113 14.69 23.92 18.18
N LEU A 114 14.36 25.21 18.28
CA LEU A 114 12.96 25.70 18.33
C LEU A 114 12.30 25.54 16.96
N GLY A 115 12.99 25.92 15.88
CA GLY A 115 12.46 25.95 14.50
C GLY A 115 12.37 24.57 13.88
N SER A 116 12.81 23.53 14.61
CA SER A 116 12.65 22.10 14.22
C SER A 116 11.17 21.70 14.36
N HIS A 117 10.54 22.07 15.48
CA HIS A 117 9.15 21.69 15.84
C HIS A 117 8.15 22.20 14.79
N GLU A 118 7.18 21.34 14.42
CA GLU A 118 6.14 21.65 13.40
C GLU A 118 5.35 22.88 13.84
N HIS A 119 5.08 23.01 15.15
CA HIS A 119 4.23 24.09 15.73
C HIS A 119 4.89 25.46 15.57
N ILE A 120 6.21 25.53 15.75
CA ILE A 120 6.99 26.78 15.61
C ILE A 120 7.03 27.16 14.13
N GLN A 121 7.43 26.22 13.27
CA GLN A 121 7.56 26.44 11.80
C GLN A 121 6.21 26.85 11.21
N ASN A 122 5.12 26.20 11.65
CA ASN A 122 3.73 26.53 11.25
C ASN A 122 3.42 27.97 11.67
N CYS A 123 3.82 28.33 12.89
CA CYS A 123 3.60 29.68 13.50
C CYS A 123 4.39 30.74 12.71
N ARG A 124 5.57 30.39 12.19
CA ARG A 124 6.48 31.34 11.49
C ARG A 124 6.06 31.53 10.03
N LYS A 125 5.46 30.52 9.43
CA LYS A 125 4.90 30.59 8.05
C LYS A 125 3.56 31.33 8.10
N TRP A 126 2.68 30.93 9.02
CA TRP A 126 1.33 31.55 9.22
C TRP A 126 1.51 33.01 9.62
N ASP A 127 2.52 33.32 10.44
CA ASP A 127 2.79 34.65 11.05
C ASP A 127 1.78 34.89 12.18
N THR A 128 1.76 33.99 13.17
CA THR A 128 0.92 34.07 14.39
C THR A 128 1.80 34.06 15.64
N GLU A 129 1.31 34.66 16.73
CA GLU A 129 2.01 34.76 18.04
C GLU A 129 2.28 33.35 18.56
N ILE A 130 3.54 33.05 18.89
CA ILE A 130 3.96 31.79 19.57
C ILE A 130 3.61 31.92 21.06
N LYS A 131 2.75 31.03 21.57
CA LYS A 131 2.29 31.00 22.98
C LYS A 131 2.69 29.66 23.59
N LEU A 132 3.71 29.67 24.45
CA LEU A 132 4.21 28.48 25.18
C LEU A 132 3.99 28.68 26.68
N GLN A 133 3.98 27.58 27.43
CA GLN A 133 3.75 27.55 28.90
C GLN A 133 4.84 26.71 29.57
N LEU A 134 5.65 27.33 30.41
CA LEU A 134 6.72 26.64 31.19
C LEU A 134 6.12 26.06 32.47
N LEU A 135 6.19 24.74 32.66
CA LEU A 135 5.65 24.05 33.86
C LEU A 135 6.47 22.80 34.18
N THR A 136 6.36 22.32 35.42
CA THR A 136 7.06 21.11 35.95
C THR A 136 6.29 19.87 35.55
N LEU A 137 6.96 18.71 35.49
CA LEU A 137 6.37 17.41 35.04
C LEU A 137 5.14 17.08 35.90
N SER A 138 5.15 17.50 37.18
CA SER A 138 4.05 17.25 38.15
C SER A 138 2.76 17.93 37.68
N ALA A 139 2.88 19.18 37.20
CA ALA A 139 1.73 20.04 36.80
C ALA A 139 1.14 19.59 35.46
N MET A 140 1.85 18.76 34.70
CA MET A 140 1.39 18.26 33.36
C MET A 140 0.29 17.21 33.56
N CYS A 141 -0.83 17.37 32.84
CA CYS A 141 -1.93 16.39 32.72
C CYS A 141 -1.37 15.10 32.13
N GLN A 142 -1.54 13.97 32.83
CA GLN A 142 -1.07 12.63 32.40
C GLN A 142 -2.19 11.61 32.64
N ASN A 143 -3.37 11.85 32.06
CA ASN A 143 -4.54 10.96 32.13
C ASN A 143 -4.28 9.71 31.27
N LEU A 144 -3.31 9.78 30.34
CA LEU A 144 -2.98 8.70 29.37
C LEU A 144 -1.90 7.79 29.96
N ALA A 145 -1.01 8.33 30.80
CA ALA A 145 0.14 7.60 31.37
C ALA A 145 -0.31 6.20 31.80
N ARG A 146 0.41 5.17 31.34
CA ARG A 146 0.14 3.76 31.73
C ARG A 146 0.48 3.62 33.22
N THR A 147 -0.47 3.10 34.01
CA THR A 147 -0.37 2.98 35.48
C THR A 147 0.31 1.65 35.83
N ALA A 148 0.48 1.36 37.12
CA ALA A 148 1.14 0.16 37.67
C ALA A 148 0.30 -1.09 37.34
N GLU A 149 -1.03 -0.97 37.36
CA GLU A 149 -1.99 -2.08 37.12
C GLU A 149 -1.92 -2.52 35.65
N ASP A 150 -1.89 -1.55 34.72
CA ASP A 150 -1.78 -1.81 33.25
C ASP A 150 -0.56 -2.69 33.01
N ASP A 151 0.62 -2.15 33.36
CA ASP A 151 1.95 -2.80 33.25
C ASP A 151 1.87 -4.18 33.91
N GLU A 152 1.17 -4.29 35.04
CA GLU A 152 1.12 -5.50 35.90
C GLU A 152 0.18 -6.55 35.30
N ALA A 153 -0.85 -6.11 34.56
CA ALA A 153 -1.96 -6.98 34.06
C ALA A 153 -1.49 -7.83 32.89
N PRO A 154 -2.16 -8.99 32.63
CA PRO A 154 -1.85 -9.82 31.46
C PRO A 154 -2.50 -9.24 30.19
N VAL A 155 -2.02 -9.69 29.03
CA VAL A 155 -2.50 -9.26 27.67
C VAL A 155 -3.56 -10.25 27.20
N ASP A 156 -4.77 -9.78 26.94
CA ASP A 156 -5.90 -10.58 26.41
C ASP A 156 -6.54 -9.84 25.23
N LEU A 157 -7.38 -10.52 24.47
CA LEU A 157 -8.04 -9.99 23.24
C LEU A 157 -9.53 -10.36 23.28
N ARG A 166 -20.37 -19.56 28.60
CA ARG A 166 -19.11 -19.38 27.82
C ARG A 166 -18.83 -20.61 26.96
N HIS A 167 -19.12 -21.83 27.46
CA HIS A 167 -18.83 -23.14 26.80
C HIS A 167 -20.14 -23.85 26.47
N PRO A 168 -20.51 -24.01 25.18
CA PRO A 168 -21.84 -24.53 24.80
C PRO A 168 -21.99 -26.04 24.56
N VAL A 169 -20.89 -26.80 24.54
CA VAL A 169 -20.88 -28.24 24.14
C VAL A 169 -20.69 -29.14 25.36
N GLU A 170 -20.26 -28.59 26.50
CA GLU A 170 -19.99 -29.38 27.73
C GLU A 170 -21.24 -30.20 28.11
N GLU A 171 -22.43 -29.59 28.05
CA GLU A 171 -23.71 -30.23 28.43
C GLU A 171 -24.04 -31.37 27.45
N LEU A 172 -23.68 -31.22 26.17
CA LEU A 172 -23.94 -32.21 25.10
C LEU A 172 -23.00 -33.41 25.24
N LEU A 173 -21.79 -33.18 25.78
CA LEU A 173 -20.82 -34.25 26.15
C LEU A 173 -21.35 -35.01 27.37
N ASP A 174 -21.81 -34.28 28.41
CA ASP A 174 -22.39 -34.86 29.66
C ASP A 174 -23.54 -35.81 29.28
N SER A 175 -24.46 -35.34 28.43
CA SER A 175 -25.64 -36.10 27.95
C SER A 175 -25.17 -37.39 27.24
N TYR A 176 -24.12 -37.29 26.43
CA TYR A 176 -23.50 -38.40 25.68
C TYR A 176 -23.00 -39.47 26.66
N HIS A 177 -22.15 -39.08 27.62
CA HIS A 177 -21.56 -40.00 28.63
C HIS A 177 -22.66 -40.63 29.47
N TYR A 178 -23.69 -39.86 29.86
CA TYR A 178 -24.85 -40.35 30.65
C TYR A 178 -25.60 -41.41 29.83
N GLN A 179 -25.84 -41.15 28.55
CA GLN A 179 -26.55 -42.08 27.61
C GLN A 179 -25.75 -43.37 27.44
N VAL A 180 -24.41 -43.29 27.52
CA VAL A 180 -23.50 -44.48 27.49
C VAL A 180 -23.69 -45.25 28.81
N GLU A 181 -23.66 -44.57 29.96
CA GLU A 181 -23.84 -45.19 31.29
C GLU A 181 -25.14 -46.01 31.31
N LEU A 182 -26.22 -45.46 30.76
CA LEU A 182 -27.57 -46.11 30.71
C LEU A 182 -27.54 -47.26 29.71
N ALA A 183 -26.76 -47.13 28.62
CA ALA A 183 -26.63 -48.14 27.54
C ALA A 183 -26.00 -49.43 28.05
N LEU A 184 -25.27 -49.38 29.18
CA LEU A 184 -24.64 -50.56 29.83
C LEU A 184 -25.71 -51.57 30.25
N GLN A 185 -26.95 -51.13 30.54
CA GLN A 185 -28.10 -52.01 30.88
C GLN A 185 -28.55 -52.78 29.63
N THR A 186 -28.59 -54.11 29.72
CA THR A 186 -28.87 -55.04 28.59
C THR A 186 -30.38 -55.31 28.45
N GLU A 187 -31.21 -54.60 29.23
CA GLU A 187 -32.69 -54.75 29.24
C GLU A 187 -33.23 -54.28 27.88
N ASN A 188 -32.79 -53.09 27.45
CA ASN A 188 -33.13 -52.48 26.13
C ASN A 188 -31.89 -51.76 25.60
N GLN A 189 -30.96 -52.50 24.98
CA GLN A 189 -29.68 -51.95 24.44
C GLN A 189 -29.98 -51.07 23.23
N HIS A 190 -30.64 -51.64 22.20
CA HIS A 190 -31.05 -50.93 20.96
C HIS A 190 -31.62 -49.55 21.29
N ARG A 191 -32.62 -49.50 22.17
CA ARG A 191 -33.28 -48.25 22.64
C ARG A 191 -32.22 -47.24 23.06
N ALA A 192 -31.47 -47.56 24.13
CA ALA A 192 -30.43 -46.69 24.75
C ALA A 192 -29.45 -46.19 23.69
N VAL A 193 -28.96 -47.09 22.82
CA VAL A 193 -27.97 -46.79 21.74
C VAL A 193 -28.54 -45.69 20.83
N ASP A 194 -29.84 -45.70 20.55
CA ASP A 194 -30.49 -44.67 19.71
C ASP A 194 -30.22 -43.29 20.33
N GLN A 195 -30.58 -43.10 21.61
CA GLN A 195 -30.40 -41.83 22.35
C GLN A 195 -28.89 -41.48 22.44
N VAL A 196 -28.01 -42.50 22.45
CA VAL A 196 -26.53 -42.31 22.35
C VAL A 196 -26.26 -41.60 21.02
N ILE A 197 -26.60 -42.24 19.91
CA ILE A 197 -26.34 -41.76 18.52
C ILE A 197 -26.85 -40.32 18.36
N LYS A 198 -28.07 -40.05 18.84
CA LYS A 198 -28.75 -38.73 18.76
C LYS A 198 -27.92 -37.67 19.49
N ALA A 199 -27.29 -38.04 20.60
CA ALA A 199 -26.39 -37.18 21.39
C ALA A 199 -25.22 -36.74 20.51
N VAL A 200 -24.59 -37.70 19.81
CA VAL A 200 -23.43 -37.47 18.90
C VAL A 200 -23.85 -36.45 17.84
N ARG A 201 -25.06 -36.62 17.27
CA ARG A 201 -25.62 -35.75 16.20
C ARG A 201 -25.56 -34.28 16.68
N LYS A 202 -26.14 -34.02 17.86
CA LYS A 202 -26.22 -32.68 18.48
C LYS A 202 -24.80 -32.11 18.65
N ILE A 203 -23.86 -32.93 19.12
CA ILE A 203 -22.44 -32.53 19.36
C ILE A 203 -21.87 -32.00 18.04
N CYS A 204 -21.95 -32.81 16.98
CA CYS A 204 -21.45 -32.47 15.64
C CYS A 204 -22.08 -31.13 15.19
N SER A 205 -23.40 -31.00 15.37
CA SER A 205 -24.22 -29.81 14.97
C SER A 205 -23.69 -28.55 15.67
N ALA A 206 -23.28 -28.71 16.94
CA ALA A 206 -22.72 -27.62 17.79
C ALA A 206 -21.30 -27.26 17.31
N LEU A 207 -20.52 -28.25 16.88
CA LEU A 207 -19.10 -28.08 16.43
C LEU A 207 -19.06 -27.61 14.96
N ASP A 208 -19.84 -26.58 14.64
CA ASP A 208 -19.93 -25.95 13.29
C ASP A 208 -20.41 -26.98 12.26
N GLY A 209 -20.99 -28.09 12.72
CA GLY A 209 -21.62 -29.11 11.86
C GLY A 209 -20.65 -30.18 11.40
N VAL A 210 -19.40 -30.16 11.90
CA VAL A 210 -18.29 -31.04 11.43
C VAL A 210 -18.54 -32.48 11.89
N GLU A 211 -18.70 -33.40 10.93
CA GLU A 211 -18.72 -34.87 11.16
C GLU A 211 -17.48 -35.49 10.51
N THR A 212 -16.46 -35.75 11.32
CA THR A 212 -15.20 -36.45 10.92
C THR A 212 -15.56 -37.87 10.48
N PRO A 213 -14.90 -38.44 9.44
CA PRO A 213 -15.18 -39.81 8.99
C PRO A 213 -14.99 -40.86 10.10
N SER A 214 -14.14 -40.59 11.08
CA SER A 214 -13.90 -41.45 12.27
C SER A 214 -15.20 -41.68 13.04
N VAL A 215 -16.05 -40.65 13.15
CA VAL A 215 -17.35 -40.69 13.89
C VAL A 215 -18.35 -41.47 13.01
N THR A 216 -18.48 -41.11 11.74
CA THR A 216 -19.40 -41.75 10.77
C THR A 216 -19.21 -43.28 10.84
N GLU A 217 -17.96 -43.76 10.73
CA GLU A 217 -17.61 -45.21 10.76
C GLU A 217 -17.86 -45.78 12.16
N ALA A 218 -17.72 -44.97 13.20
CA ALA A 218 -17.91 -45.38 14.61
C ALA A 218 -19.40 -45.57 14.91
N VAL A 219 -20.27 -44.74 14.32
CA VAL A 219 -21.75 -44.81 14.52
C VAL A 219 -22.31 -45.99 13.71
N LYS A 220 -21.79 -46.21 12.49
CA LYS A 220 -22.22 -47.33 11.61
C LYS A 220 -21.75 -48.67 12.20
N LYS A 221 -20.55 -48.68 12.81
CA LYS A 221 -19.99 -49.86 13.51
C LYS A 221 -20.83 -50.17 14.75
N LEU A 222 -21.27 -49.12 15.47
CA LEU A 222 -22.10 -49.25 16.70
C LEU A 222 -23.45 -49.87 16.33
N LYS A 223 -24.14 -49.32 15.33
CA LYS A 223 -25.45 -49.84 14.82
C LYS A 223 -25.30 -51.33 14.50
N ARG A 224 -24.23 -51.71 13.78
CA ARG A 224 -23.97 -53.11 13.35
C ARG A 224 -23.62 -53.98 14.57
N ALA A 225 -22.81 -53.47 15.51
CA ALA A 225 -22.36 -54.21 16.71
C ALA A 225 -23.52 -54.37 17.72
N VAL A 226 -24.57 -53.54 17.61
CA VAL A 226 -25.81 -53.62 18.44
C VAL A 226 -26.76 -54.63 17.79
N ASN A 227 -26.94 -54.56 16.46
CA ASN A 227 -27.84 -55.45 15.68
C ASN A 227 -27.28 -56.88 15.69
N LEU A 228 -25.95 -57.04 15.79
CA LEU A 228 -25.26 -58.36 15.84
C LEU A 228 -24.99 -58.74 17.29
N PRO A 229 -25.83 -59.62 17.91
CA PRO A 229 -25.67 -59.98 19.31
C PRO A 229 -24.63 -61.09 19.52
N PRO A 255 -12.75 -60.25 27.70
CA PRO A 255 -13.81 -59.81 28.62
C PRO A 255 -14.50 -58.52 28.15
N GLU A 256 -15.01 -58.51 26.91
CA GLU A 256 -15.64 -57.33 26.27
C GLU A 256 -16.83 -57.75 25.39
N ASN A 257 -17.86 -56.90 25.33
CA ASN A 257 -19.06 -57.04 24.47
C ASN A 257 -18.85 -56.21 23.20
N PRO A 258 -19.52 -56.54 22.08
CA PRO A 258 -19.39 -55.77 20.84
C PRO A 258 -19.94 -54.34 20.95
N VAL A 259 -20.96 -54.11 21.79
CA VAL A 259 -21.58 -52.76 22.02
C VAL A 259 -20.58 -51.88 22.77
N GLN A 260 -19.91 -52.42 23.79
CA GLN A 260 -18.97 -51.67 24.67
C GLN A 260 -17.78 -51.18 23.83
N VAL A 261 -17.15 -52.07 23.05
CA VAL A 261 -15.92 -51.76 22.26
C VAL A 261 -16.26 -50.73 21.18
N SER A 262 -17.38 -50.88 20.47
CA SER A 262 -17.84 -49.97 19.39
C SER A 262 -18.20 -48.61 19.98
N MET A 263 -18.64 -48.59 21.25
CA MET A 263 -19.01 -47.34 21.98
C MET A 263 -17.73 -46.64 22.46
N ASP A 264 -16.73 -47.40 22.94
CA ASP A 264 -15.41 -46.89 23.37
C ASP A 264 -14.67 -46.26 22.17
N HIS A 265 -14.95 -46.73 20.95
CA HIS A 265 -14.43 -46.19 19.67
C HIS A 265 -15.17 -44.89 19.31
N LEU A 266 -16.47 -44.81 19.60
CA LEU A 266 -17.29 -43.57 19.46
C LEU A 266 -16.67 -42.46 20.30
N THR A 267 -16.59 -42.68 21.63
CA THR A 267 -16.01 -41.71 22.60
C THR A 267 -14.70 -41.21 21.99
N THR A 268 -13.78 -42.13 21.66
CA THR A 268 -12.44 -41.82 21.11
C THR A 268 -12.58 -40.87 19.91
N ALA A 269 -13.50 -41.19 18.98
CA ALA A 269 -13.67 -40.47 17.69
C ALA A 269 -14.22 -39.06 17.93
N ILE A 270 -15.05 -38.88 18.96
CA ILE A 270 -15.68 -37.58 19.31
C ILE A 270 -14.61 -36.67 19.91
N TYR A 271 -13.80 -37.18 20.85
CA TYR A 271 -12.71 -36.43 21.53
C TYR A 271 -11.63 -36.08 20.51
N ASP A 272 -11.40 -36.93 19.50
CA ASP A 272 -10.44 -36.65 18.40
C ASP A 272 -10.99 -35.51 17.54
N LEU A 273 -12.32 -35.43 17.37
CA LEU A 273 -12.98 -34.33 16.63
C LEU A 273 -12.79 -33.03 17.42
N LEU A 274 -13.00 -33.08 18.75
CA LEU A 274 -12.82 -31.92 19.66
C LEU A 274 -11.37 -31.41 19.53
N ARG A 275 -10.38 -32.28 19.69
CA ARG A 275 -8.94 -31.95 19.53
C ARG A 275 -8.73 -31.13 18.26
N LEU A 276 -9.39 -31.51 17.15
CA LEU A 276 -9.24 -30.86 15.82
C LEU A 276 -9.96 -29.52 15.83
N HIS A 277 -11.18 -29.46 16.38
CA HIS A 277 -12.05 -28.25 16.38
C HIS A 277 -11.40 -27.15 17.22
N ALA A 278 -10.93 -27.48 18.42
CA ALA A 278 -10.25 -26.54 19.34
C ALA A 278 -8.90 -26.12 18.73
N ASN A 279 -8.20 -27.07 18.09
CA ASN A 279 -6.88 -26.87 17.43
C ASN A 279 -5.84 -26.43 18.49
N SER A 280 -5.86 -27.08 19.66
CA SER A 280 -5.02 -26.73 20.84
C SER A 280 -4.13 -27.91 21.22
N SER A 281 -2.88 -27.64 21.59
CA SER A 281 -1.87 -28.63 22.05
C SER A 281 -1.71 -29.74 21.00
N ASN A 293 13.15 -38.70 16.63
CA ASN A 293 11.73 -38.70 16.17
C ASN A 293 11.38 -37.39 15.44
N ILE A 294 12.37 -36.50 15.20
CA ILE A 294 12.20 -35.18 14.55
C ILE A 294 13.07 -35.14 13.28
N LYS A 295 12.49 -35.46 12.12
CA LYS A 295 13.17 -35.40 10.81
C LYS A 295 13.18 -33.95 10.32
N GLU A 296 14.27 -33.55 9.64
CA GLU A 296 14.49 -32.18 9.12
C GLU A 296 13.96 -32.10 7.69
N ALA A 297 13.37 -30.96 7.32
CA ALA A 297 12.54 -30.77 6.10
C ALA A 297 13.33 -31.08 4.82
N TRP A 298 14.58 -30.62 4.73
CA TRP A 298 15.43 -30.76 3.51
C TRP A 298 15.86 -32.23 3.30
N THR A 299 15.54 -33.13 4.23
CA THR A 299 15.75 -34.60 4.08
C THR A 299 14.59 -35.18 3.25
N ALA A 300 13.36 -34.76 3.55
CA ALA A 300 12.07 -35.30 3.02
C ALA A 300 11.98 -35.13 1.49
N THR A 301 11.92 -36.25 0.75
CA THR A 301 11.87 -36.31 -0.73
C THR A 301 10.45 -36.61 -1.22
N GLU A 302 9.53 -36.82 -0.28
CA GLU A 302 8.11 -37.12 -0.57
C GLU A 302 7.52 -35.95 -1.37
N GLN A 303 6.58 -36.21 -2.29
CA GLN A 303 5.82 -35.16 -3.01
C GLN A 303 4.87 -34.47 -2.01
N LEU A 304 4.71 -33.15 -2.11
CA LEU A 304 3.68 -32.40 -1.34
C LEU A 304 2.30 -32.89 -1.79
N GLN A 305 1.56 -33.49 -0.87
CA GLN A 305 0.21 -34.03 -1.12
C GLN A 305 -0.64 -33.84 0.14
N PHE A 306 -1.94 -33.67 -0.06
CA PHE A 306 -3.00 -33.64 0.99
C PHE A 306 -4.30 -34.14 0.36
N THR A 307 -5.25 -34.58 1.19
CA THR A 307 -6.54 -35.15 0.78
C THR A 307 -7.70 -34.24 1.21
N VAL A 308 -8.21 -33.39 0.33
CA VAL A 308 -9.39 -32.52 0.63
C VAL A 308 -10.60 -33.43 0.86
N TYR A 309 -11.14 -33.45 2.08
CA TYR A 309 -12.23 -34.39 2.45
C TYR A 309 -13.58 -33.79 2.03
N ALA A 310 -14.15 -32.88 2.82
CA ALA A 310 -15.50 -32.33 2.61
C ALA A 310 -15.62 -30.93 3.22
N ALA A 311 -16.64 -30.17 2.81
CA ALA A 311 -17.14 -28.95 3.47
C ALA A 311 -18.35 -29.34 4.33
N HIS A 312 -18.32 -29.02 5.64
CA HIS A 312 -19.33 -29.43 6.64
C HIS A 312 -20.29 -28.28 6.94
N GLY A 313 -21.44 -28.60 7.56
CA GLY A 313 -22.47 -27.63 7.98
C GLY A 313 -22.98 -26.82 6.81
N ILE A 314 -23.27 -27.48 5.68
CA ILE A 314 -23.79 -26.84 4.44
C ILE A 314 -25.25 -26.44 4.69
N SER A 315 -25.72 -25.37 4.04
CA SER A 315 -27.11 -24.84 4.14
C SER A 315 -27.99 -25.49 3.07
N SER A 316 -29.31 -25.51 3.30
CA SER A 316 -30.33 -26.08 2.37
C SER A 316 -30.28 -25.36 1.02
N ASN A 317 -29.84 -24.10 1.00
CA ASN A 317 -29.74 -23.23 -0.20
C ASN A 317 -28.65 -23.75 -1.17
N TRP A 318 -27.66 -24.48 -0.67
CA TRP A 318 -26.54 -25.03 -1.47
C TRP A 318 -27.05 -26.19 -2.33
N VAL A 319 -27.78 -27.14 -1.73
CA VAL A 319 -28.33 -28.35 -2.41
C VAL A 319 -29.16 -27.89 -3.62
N SER A 320 -29.86 -26.75 -3.50
CA SER A 320 -30.62 -26.08 -4.59
C SER A 320 -29.63 -25.58 -5.65
N TYR A 322 -26.79 -23.92 -7.27
CA TYR A 322 -25.50 -24.61 -7.53
C TYR A 322 -25.76 -26.10 -7.81
N GLU A 323 -25.35 -26.59 -8.99
CA GLU A 323 -25.53 -28.01 -9.40
C GLU A 323 -24.40 -28.85 -8.80
N LYS A 324 -23.15 -28.45 -9.04
CA LYS A 324 -21.92 -29.18 -8.59
C LYS A 324 -20.91 -28.18 -8.02
N TYR A 325 -20.02 -28.65 -7.15
CA TYR A 325 -18.97 -27.86 -6.45
C TYR A 325 -17.59 -28.48 -6.66
N TYR A 326 -16.58 -27.63 -6.82
CA TYR A 326 -15.16 -28.02 -7.00
C TYR A 326 -14.26 -26.91 -6.45
N LEU A 327 -13.09 -27.31 -5.95
CA LEU A 327 -12.05 -26.37 -5.41
C LEU A 327 -10.97 -26.17 -6.47
N ILE A 328 -10.33 -24.99 -6.44
CA ILE A 328 -9.07 -24.72 -7.19
C ILE A 328 -7.95 -24.50 -6.15
N CYS A 329 -6.91 -25.33 -6.23
CA CYS A 329 -5.75 -25.37 -5.29
C CYS A 329 -4.56 -24.67 -5.93
N SER A 330 -3.95 -23.74 -5.19
CA SER A 330 -2.75 -22.97 -5.62
C SER A 330 -1.69 -23.07 -4.52
N LEU A 331 -0.42 -22.99 -4.89
CA LEU A 331 0.71 -22.88 -3.95
C LEU A 331 1.53 -21.67 -4.35
N SER A 332 1.86 -20.82 -3.37
CA SER A 332 2.54 -19.51 -3.58
C SER A 332 3.66 -19.35 -2.56
N HIS A 333 4.62 -18.48 -2.85
CA HIS A 333 5.70 -18.09 -1.92
C HIS A 333 5.65 -16.58 -1.69
N ASN A 334 6.34 -15.80 -2.52
CA ASN A 334 6.47 -14.32 -2.35
C ASN A 334 5.33 -13.64 -3.12
N GLY A 335 4.10 -14.07 -2.88
CA GLY A 335 2.89 -13.50 -3.50
C GLY A 335 2.43 -14.26 -4.74
N LYS A 336 3.33 -14.43 -5.72
CA LYS A 336 3.05 -15.08 -7.03
C LYS A 336 3.00 -16.61 -6.83
N ASP A 337 2.10 -17.28 -7.55
CA ASP A 337 1.94 -18.77 -7.53
C ASP A 337 3.27 -19.40 -7.94
N LEU A 338 3.49 -20.66 -7.54
CA LEU A 338 4.69 -21.46 -7.92
C LEU A 338 4.40 -22.26 -9.19
N PHE A 339 3.16 -22.73 -9.36
CA PHE A 339 2.69 -23.61 -10.47
C PHE A 339 1.26 -23.28 -10.84
N LYS A 340 0.87 -23.60 -12.08
CA LYS A 340 -0.54 -23.47 -12.54
C LYS A 340 -1.45 -24.11 -11.48
N PRO A 341 -2.52 -23.42 -11.05
CA PRO A 341 -3.45 -23.96 -10.06
C PRO A 341 -4.06 -25.29 -10.50
N ILE A 342 -4.26 -26.21 -9.55
CA ILE A 342 -4.80 -27.58 -9.75
C ILE A 342 -6.28 -27.59 -9.37
N GLN A 343 -7.17 -27.99 -10.28
CA GLN A 343 -8.63 -28.12 -10.02
C GLN A 343 -8.87 -29.43 -9.25
N SER A 344 -10.03 -29.53 -8.58
CA SER A 344 -10.53 -30.74 -7.92
C SER A 344 -11.71 -31.27 -8.72
N LYS A 345 -12.11 -32.52 -8.47
CA LYS A 345 -13.25 -33.17 -9.18
C LYS A 345 -14.54 -32.45 -8.78
N LYS A 346 -15.48 -32.35 -9.72
CA LYS A 346 -16.81 -31.75 -9.48
C LYS A 346 -17.69 -32.81 -8.84
N VAL A 347 -18.19 -32.56 -7.62
CA VAL A 347 -19.10 -33.47 -6.87
C VAL A 347 -20.31 -32.67 -6.40
N GLY A 348 -21.45 -33.35 -6.26
CA GLY A 348 -22.70 -32.75 -5.76
C GLY A 348 -22.70 -32.66 -4.25
N THR A 349 -23.67 -33.30 -3.59
CA THR A 349 -23.88 -33.27 -2.13
C THR A 349 -24.03 -34.72 -1.62
N TYR A 350 -23.32 -35.05 -0.54
CA TYR A 350 -23.41 -36.35 0.17
C TYR A 350 -24.24 -36.13 1.44
N LYS A 351 -24.87 -37.20 1.95
CA LYS A 351 -25.74 -37.15 3.17
C LYS A 351 -25.49 -38.42 4.01
N ASN A 352 -25.17 -38.23 5.29
CA ASN A 352 -25.02 -39.31 6.32
C ASN A 352 -25.81 -38.89 7.56
N PHE A 353 -25.28 -37.97 8.36
CA PHE A 353 -26.04 -37.20 9.39
C PHE A 353 -26.60 -35.94 8.72
N PHE A 354 -25.73 -35.04 8.30
CA PHE A 354 -26.07 -33.75 7.65
C PHE A 354 -25.78 -33.83 6.14
N TYR A 355 -26.04 -32.73 5.43
CA TYR A 355 -25.68 -32.54 4.00
C TYR A 355 -24.27 -31.95 3.94
N LEU A 356 -23.37 -32.64 3.24
CA LEU A 356 -21.93 -32.32 3.09
C LEU A 356 -21.57 -32.23 1.61
N ILE A 357 -20.32 -31.86 1.31
CA ILE A 357 -19.74 -31.87 -0.06
C ILE A 357 -18.48 -32.75 -0.03
N LYS A 358 -18.67 -34.07 0.04
CA LYS A 358 -17.59 -35.08 0.15
C LYS A 358 -16.78 -35.10 -1.16
N TRP A 359 -15.45 -34.96 -1.05
CA TRP A 359 -14.48 -35.06 -2.17
C TRP A 359 -13.62 -36.30 -1.99
N ASP A 360 -12.87 -36.37 -0.88
CA ASP A 360 -11.95 -37.48 -0.55
C ASP A 360 -11.05 -37.74 -1.77
N GLU A 361 -10.52 -36.67 -2.35
CA GLU A 361 -9.56 -36.73 -3.49
C GLU A 361 -8.19 -36.29 -2.98
N LEU A 362 -7.19 -37.18 -3.10
CA LEU A 362 -5.76 -36.83 -2.87
C LEU A 362 -5.37 -35.80 -3.94
N ILE A 363 -4.72 -34.72 -3.53
CA ILE A 363 -4.12 -33.70 -4.45
C ILE A 363 -2.61 -33.74 -4.23
N ILE A 364 -1.86 -33.97 -5.30
CA ILE A 364 -0.37 -34.03 -5.25
C ILE A 364 0.18 -32.89 -6.09
N PHE A 365 1.18 -32.20 -5.56
CA PHE A 365 1.84 -31.04 -6.19
C PHE A 365 3.21 -31.49 -6.67
N PRO A 366 3.66 -31.04 -7.86
CA PRO A 366 4.95 -31.46 -8.39
C PRO A 366 6.12 -30.78 -7.68
N ILE A 367 6.21 -30.91 -6.34
CA ILE A 367 7.45 -30.58 -5.58
C ILE A 367 7.56 -31.46 -4.34
N GLN A 368 8.81 -31.67 -3.92
CA GLN A 368 9.17 -32.37 -2.68
C GLN A 368 9.03 -31.36 -1.53
N ILE A 369 8.92 -31.88 -0.31
CA ILE A 369 8.91 -31.09 0.96
C ILE A 369 10.23 -30.33 1.08
N SER A 370 11.35 -30.95 0.70
CA SER A 370 12.70 -30.32 0.71
C SER A 370 12.67 -29.00 -0.06
N GLN A 371 12.01 -28.99 -1.23
CA GLN A 371 11.95 -27.81 -2.11
C GLN A 371 11.11 -26.71 -1.44
N LEU A 372 10.08 -27.08 -0.67
CA LEU A 372 9.15 -26.12 -0.01
C LEU A 372 9.94 -25.09 0.79
N PRO A 373 9.81 -23.78 0.47
CA PRO A 373 10.35 -22.72 1.31
C PRO A 373 9.43 -22.47 2.52
N LEU A 374 9.98 -21.90 3.60
CA LEU A 374 9.28 -21.70 4.91
C LEU A 374 7.95 -20.95 4.68
N GLU A 375 8.01 -19.86 3.91
CA GLU A 375 6.91 -18.87 3.81
C GLU A 375 5.87 -19.31 2.77
N SER A 376 5.98 -20.53 2.25
CA SER A 376 5.04 -21.09 1.25
C SER A 376 3.67 -21.32 1.91
N VAL A 377 2.59 -20.94 1.21
CA VAL A 377 1.18 -21.02 1.70
C VAL A 377 0.30 -21.63 0.62
N LEU A 378 -0.72 -22.39 1.04
CA LEU A 378 -1.64 -23.14 0.17
C LEU A 378 -2.98 -22.43 0.13
N HIS A 379 -3.43 -22.00 -1.05
CA HIS A 379 -4.74 -21.32 -1.26
C HIS A 379 -5.73 -22.31 -1.85
N LEU A 380 -6.92 -22.43 -1.24
CA LEU A 380 -8.06 -23.21 -1.78
C LEU A 380 -9.22 -22.25 -2.02
N THR A 381 -9.60 -22.02 -3.27
CA THR A 381 -10.77 -21.19 -3.64
C THR A 381 -11.95 -22.14 -3.93
N LEU A 382 -13.11 -21.85 -3.36
CA LEU A 382 -14.34 -22.68 -3.51
C LEU A 382 -15.20 -22.08 -4.63
N PHE A 383 -15.88 -22.94 -5.40
CA PHE A 383 -16.82 -22.58 -6.48
C PHE A 383 -18.09 -23.43 -6.36
N ALA A 405 -17.01 -17.68 -7.27
CA ALA A 405 -16.04 -17.44 -6.18
C ALA A 405 -16.79 -17.28 -4.85
N LEU A 406 -17.12 -18.40 -4.20
CA LEU A 406 -17.94 -18.44 -2.96
C LEU A 406 -17.09 -18.00 -1.77
N GLY A 407 -15.84 -18.50 -1.68
CA GLY A 407 -14.91 -18.20 -0.58
C GLY A 407 -13.51 -18.65 -0.89
N LYS A 408 -12.52 -18.03 -0.24
CA LYS A 408 -11.08 -18.36 -0.39
C LYS A 408 -10.45 -18.53 1.00
N VAL A 409 -9.87 -19.72 1.24
CA VAL A 409 -9.11 -20.06 2.48
C VAL A 409 -7.64 -20.20 2.11
N SER A 410 -6.78 -19.90 3.08
CA SER A 410 -5.29 -19.93 2.94
C SER A 410 -4.73 -20.60 4.18
N LEU A 411 -3.76 -21.49 3.98
CA LEU A 411 -3.15 -22.31 5.05
C LEU A 411 -1.64 -22.30 4.87
N THR A 412 -0.90 -21.98 5.94
CA THR A 412 0.58 -21.96 5.96
C THR A 412 1.07 -23.40 6.10
N LEU A 413 1.90 -23.87 5.16
CA LEU A 413 2.35 -25.29 5.12
C LEU A 413 3.27 -25.58 6.31
N PHE A 414 3.93 -24.54 6.84
CA PHE A 414 4.65 -24.58 8.13
C PHE A 414 3.88 -23.75 9.15
N ASP A 415 3.76 -24.25 10.39
CA ASP A 415 3.14 -23.51 11.53
C ASP A 415 4.15 -22.50 12.08
N PHE A 416 3.73 -21.67 13.03
CA PHE A 416 4.56 -20.58 13.63
C PHE A 416 5.84 -21.15 14.24
N LYS A 417 5.84 -22.44 14.60
CA LYS A 417 7.01 -23.12 15.23
C LYS A 417 7.79 -23.95 14.20
N ARG A 418 7.53 -23.73 12.90
CA ARG A 418 8.32 -24.27 11.74
C ARG A 418 8.09 -25.77 11.53
N PHE A 419 7.21 -26.40 12.31
CA PHE A 419 6.75 -27.79 12.07
C PHE A 419 5.89 -27.78 10.80
N LEU A 420 6.11 -28.75 9.90
CA LEU A 420 5.30 -28.94 8.66
C LEU A 420 3.90 -29.40 9.05
N THR A 421 2.87 -28.76 8.48
CA THR A 421 1.45 -29.13 8.63
C THR A 421 1.30 -30.64 8.44
N CYS A 422 0.66 -31.32 9.40
CA CYS A 422 0.36 -32.77 9.32
C CYS A 422 -1.00 -33.05 9.98
N GLY A 423 -1.65 -34.15 9.58
CA GLY A 423 -2.94 -34.56 10.14
C GLY A 423 -4.07 -33.66 9.70
N THR A 424 -5.28 -33.91 10.19
CA THR A 424 -6.53 -33.25 9.73
C THR A 424 -6.51 -31.78 10.14
N LYS A 425 -6.99 -30.90 9.26
CA LYS A 425 -7.07 -29.44 9.47
C LYS A 425 -8.48 -28.98 9.09
N LEU A 426 -9.12 -28.20 9.99
CA LEU A 426 -10.48 -27.63 9.82
C LEU A 426 -10.35 -26.14 9.55
N LEU A 427 -10.65 -25.70 8.32
CA LEU A 427 -10.45 -24.30 7.87
C LEU A 427 -11.80 -23.58 7.77
N TYR A 428 -11.84 -22.33 8.26
CA TYR A 428 -13.06 -21.49 8.35
C TYR A 428 -13.18 -20.60 7.10
N LEU A 429 -14.28 -20.77 6.37
CA LEU A 429 -14.70 -19.90 5.24
C LEU A 429 -15.95 -19.11 5.62
N TRP A 430 -16.10 -17.90 5.07
CA TRP A 430 -17.32 -17.05 5.23
C TRP A 430 -18.02 -16.93 3.88
N THR A 431 -19.36 -16.88 3.91
CA THR A 431 -20.27 -16.61 2.77
C THR A 431 -21.39 -15.67 3.23
N SER A 432 -22.33 -15.31 2.34
CA SER A 432 -23.44 -14.36 2.62
C SER A 432 -24.41 -14.97 3.64
N ILE A 452 -19.21 -24.12 5.16
CA ILE A 452 -18.62 -23.05 6.01
C ILE A 452 -17.21 -23.48 6.46
N VAL A 453 -17.05 -24.71 6.97
CA VAL A 453 -15.76 -25.26 7.47
C VAL A 453 -15.30 -26.37 6.52
N LEU A 454 -14.04 -26.31 6.08
CA LEU A 454 -13.44 -27.23 5.08
C LEU A 454 -12.41 -28.13 5.75
N GLN A 455 -12.64 -29.44 5.75
CA GLN A 455 -11.71 -30.46 6.30
C GLN A 455 -10.70 -30.81 5.21
N VAL A 456 -9.40 -30.62 5.51
CA VAL A 456 -8.27 -31.00 4.62
C VAL A 456 -7.35 -31.93 5.41
N ASP A 457 -7.24 -33.18 4.96
CA ASP A 457 -6.42 -34.24 5.61
C ASP A 457 -5.00 -34.18 5.05
N PHE A 458 -4.01 -33.83 5.88
CA PHE A 458 -2.57 -33.86 5.56
C PHE A 458 -1.94 -35.12 6.13
N PRO A 459 -0.90 -35.69 5.47
CA PRO A 459 -0.32 -36.96 5.90
C PRO A 459 0.24 -36.78 7.30
N SER A 460 -0.02 -37.75 8.19
CA SER A 460 0.34 -37.72 9.63
C SER A 460 1.34 -38.83 9.94
N PRO A 461 2.62 -38.69 9.52
CA PRO A 461 3.63 -39.70 9.82
C PRO A 461 3.94 -39.70 11.33
N ALA A 462 4.55 -40.78 11.81
CA ALA A 462 4.96 -40.97 13.23
C ALA A 462 5.97 -39.89 13.63
N PHE A 463 6.84 -39.50 12.69
CA PHE A 463 7.91 -38.49 12.88
C PHE A 463 7.39 -37.13 12.42
N ASP A 464 7.71 -36.06 13.17
CA ASP A 464 7.34 -34.66 12.86
C ASP A 464 8.43 -34.03 12.00
N ILE A 465 8.07 -33.51 10.82
CA ILE A 465 9.01 -32.81 9.90
C ILE A 465 9.08 -31.34 10.29
N ILE A 466 10.28 -30.83 10.57
CA ILE A 466 10.53 -29.39 10.89
C ILE A 466 11.50 -28.81 9.84
N TYR A 467 11.35 -27.53 9.53
CA TYR A 467 12.19 -26.79 8.54
C TYR A 467 13.23 -25.98 9.29
N THR A 468 14.47 -25.99 8.81
CA THR A 468 15.62 -25.28 9.43
C THR A 468 16.42 -24.56 8.35
N SER A 469 16.94 -23.37 8.68
CA SER A 469 17.77 -22.51 7.78
C SER A 469 19.17 -23.12 7.66
N PRO A 470 19.89 -22.91 6.53
CA PRO A 470 21.28 -23.33 6.41
C PRO A 470 22.21 -22.51 7.30
N GLN A 471 23.36 -23.09 7.70
CA GLN A 471 24.37 -22.41 8.54
C GLN A 471 25.00 -21.26 7.75
N ILE A 472 25.74 -20.39 8.44
CA ILE A 472 26.40 -19.17 7.88
C ILE A 472 27.73 -19.60 7.22
N ASP A 473 27.97 -19.14 5.99
CA ASP A 473 29.21 -19.41 5.20
C ASP A 473 30.40 -18.78 5.92
N ARG A 474 30.26 -17.53 6.41
CA ARG A 474 31.28 -16.80 7.21
C ARG A 474 32.57 -16.61 6.41
N ASN A 475 32.49 -16.47 5.09
CA ASN A 475 33.68 -16.30 4.20
C ASN A 475 34.35 -14.95 4.50
N ILE A 476 33.55 -13.91 4.77
CA ILE A 476 34.00 -12.52 5.11
C ILE A 476 34.96 -12.04 4.01
N ILE A 477 34.51 -12.09 2.75
CA ILE A 477 35.26 -11.73 1.51
C ILE A 477 36.71 -12.23 1.61
N THR A 484 41.19 -6.39 -5.43
CA THR A 484 40.68 -7.28 -6.53
C THR A 484 39.77 -6.48 -7.49
N LEU A 485 39.73 -5.15 -7.39
CA LEU A 485 38.86 -4.27 -8.20
C LEU A 485 39.37 -4.25 -9.65
N GLU A 486 38.45 -4.25 -10.62
CA GLU A 486 38.74 -4.24 -12.09
C GLU A 486 37.92 -3.11 -12.74
N SER A 487 38.59 -2.19 -13.44
CA SER A 487 37.98 -0.97 -14.05
C SER A 487 37.13 -1.33 -15.28
N ASP A 488 36.47 -0.33 -15.87
CA ASP A 488 35.59 -0.42 -17.07
C ASP A 488 34.26 -1.11 -16.67
N ILE A 489 34.30 -2.41 -16.32
CA ILE A 489 33.14 -3.17 -15.78
C ILE A 489 32.62 -2.47 -14.51
N LYS A 490 33.54 -2.00 -13.66
CA LYS A 490 33.23 -1.18 -12.46
C LYS A 490 32.60 0.13 -12.91
N GLY A 491 33.28 0.87 -13.79
CA GLY A 491 32.78 2.11 -14.42
C GLY A 491 31.36 1.94 -14.95
N LYS A 492 31.00 0.73 -15.37
CA LYS A 492 29.65 0.38 -15.90
C LYS A 492 28.72 -0.06 -14.76
N LEU A 493 29.17 -0.96 -13.89
CA LEU A 493 28.40 -1.48 -12.72
C LEU A 493 27.89 -0.29 -11.88
N LEU A 494 28.73 0.73 -11.68
CA LEU A 494 28.37 1.95 -10.91
C LEU A 494 27.14 2.63 -11.54
N ASP A 495 26.96 2.48 -12.85
CA ASP A 495 25.77 3.03 -13.57
C ASP A 495 24.53 2.22 -13.19
N ILE A 496 24.67 0.92 -12.90
CA ILE A 496 23.53 0.02 -12.56
C ILE A 496 23.15 0.17 -11.08
N ILE A 497 24.11 0.48 -10.20
CA ILE A 497 23.81 0.80 -8.77
C ILE A 497 23.19 2.21 -8.70
N HIS A 498 23.56 3.10 -9.64
CA HIS A 498 23.04 4.48 -9.78
C HIS A 498 21.55 4.46 -10.19
N ARG A 499 21.11 3.40 -10.88
CA ARG A 499 19.70 3.25 -11.35
C ARG A 499 18.73 3.57 -10.21
N ASP A 500 17.65 4.28 -10.53
CA ASP A 500 16.62 4.79 -9.58
C ASP A 500 16.09 3.66 -8.69
N SER A 501 15.69 2.53 -9.29
CA SER A 501 14.90 1.45 -8.64
C SER A 501 15.11 0.13 -9.38
N SER A 502 14.37 -0.90 -8.98
CA SER A 502 14.42 -2.26 -9.57
C SER A 502 13.54 -2.35 -10.82
N PHE A 503 12.62 -1.40 -11.04
CA PHE A 503 11.75 -1.33 -12.25
C PHE A 503 12.60 -1.01 -13.49
N GLY A 504 13.50 -0.03 -13.38
CA GLY A 504 14.38 0.40 -14.49
C GLY A 504 15.58 -0.51 -14.69
N LEU A 505 15.39 -1.84 -14.55
CA LEU A 505 16.45 -2.88 -14.73
C LEU A 505 15.99 -3.92 -15.74
N SER A 506 16.82 -4.16 -16.77
CA SER A 506 16.70 -5.26 -17.76
C SER A 506 17.19 -6.57 -17.13
N LYS A 507 16.60 -7.70 -17.53
CA LYS A 507 16.94 -9.05 -16.99
C LYS A 507 18.46 -9.27 -17.08
N GLU A 508 19.09 -8.83 -18.17
CA GLU A 508 20.56 -8.95 -18.39
C GLU A 508 21.28 -8.14 -17.31
N ASP A 509 20.80 -6.93 -17.03
CA ASP A 509 21.32 -6.04 -15.95
C ASP A 509 21.22 -6.76 -14.61
N LYS A 510 20.10 -7.44 -14.34
CA LYS A 510 19.82 -8.17 -13.07
C LYS A 510 20.85 -9.30 -12.89
N VAL A 511 21.07 -10.10 -13.93
CA VAL A 511 22.01 -11.27 -13.89
C VAL A 511 23.44 -10.74 -13.73
N PHE A 512 23.77 -9.62 -14.36
CA PHE A 512 25.11 -8.97 -14.28
C PHE A 512 25.35 -8.42 -12.87
N LEU A 513 24.30 -7.84 -12.27
CA LEU A 513 24.34 -7.27 -10.91
C LEU A 513 24.55 -8.39 -9.89
N TRP A 514 23.82 -9.51 -10.04
CA TRP A 514 23.87 -10.64 -9.07
C TRP A 514 25.24 -11.29 -9.09
N GLU A 515 25.92 -11.30 -10.24
CA GLU A 515 27.26 -11.93 -10.38
C GLU A 515 28.30 -11.06 -9.66
N ASN A 516 28.29 -9.75 -9.90
CA ASN A 516 29.14 -8.77 -9.17
C ASN A 516 28.40 -8.38 -7.88
N ARG A 517 28.15 -9.36 -7.02
CA ARG A 517 27.36 -9.20 -5.78
C ARG A 517 28.24 -8.61 -4.68
N TYR A 518 29.40 -9.24 -4.42
CA TYR A 518 30.28 -8.95 -3.26
C TYR A 518 31.06 -7.65 -3.47
N TYR A 519 31.01 -7.05 -4.67
CA TYR A 519 31.73 -5.80 -5.02
C TYR A 519 30.87 -4.58 -4.69
N CYS A 520 29.58 -4.77 -4.40
CA CYS A 520 28.61 -3.70 -4.06
C CYS A 520 28.40 -3.62 -2.53
N LEU A 521 29.33 -4.15 -1.72
CA LEU A 521 29.27 -4.04 -0.24
C LEU A 521 29.55 -2.61 0.20
N LYS A 522 29.98 -1.74 -0.72
CA LYS A 522 30.32 -0.31 -0.46
C LYS A 522 29.11 0.58 -0.78
N HIS A 523 27.96 -0.01 -1.11
CA HIS A 523 26.68 0.70 -1.41
C HIS A 523 25.49 -0.07 -0.82
N PRO A 524 25.17 0.10 0.48
CA PRO A 524 24.13 -0.71 1.11
C PRO A 524 22.72 -0.53 0.52
N ASN A 525 22.41 0.64 -0.03
CA ASN A 525 21.03 1.03 -0.42
C ASN A 525 20.57 0.30 -1.69
N CYS A 526 21.49 -0.37 -2.41
CA CYS A 526 21.20 -1.12 -3.66
C CYS A 526 20.86 -2.59 -3.37
N LEU A 527 20.70 -2.98 -2.09
CA LEU A 527 20.45 -4.39 -1.69
C LEU A 527 19.09 -4.86 -2.21
N PRO A 528 18.03 -4.01 -2.21
CA PRO A 528 16.78 -4.38 -2.87
C PRO A 528 16.98 -4.71 -4.36
N LYS A 529 17.87 -3.98 -5.04
CA LYS A 529 18.20 -4.22 -6.47
C LYS A 529 18.88 -5.60 -6.60
N ILE A 530 19.76 -5.95 -5.66
CA ILE A 530 20.49 -7.26 -5.63
C ILE A 530 19.48 -8.38 -5.37
N LEU A 531 18.66 -8.26 -4.33
CA LEU A 531 17.71 -9.32 -3.89
C LEU A 531 16.60 -9.50 -4.92
N ALA A 532 16.28 -8.45 -5.69
CA ALA A 532 15.30 -8.48 -6.81
C ALA A 532 15.98 -8.96 -8.08
N SER A 533 17.30 -9.15 -8.04
CA SER A 533 18.14 -9.69 -9.14
C SER A 533 18.67 -11.09 -8.78
N ALA A 534 18.25 -11.64 -7.62
CA ALA A 534 18.59 -13.02 -7.21
C ALA A 534 17.89 -13.98 -8.16
N PRO A 535 18.64 -14.90 -8.82
CA PRO A 535 18.06 -15.82 -9.78
C PRO A 535 17.08 -16.82 -9.12
N ASN A 536 17.57 -17.56 -8.11
CA ASN A 536 16.86 -18.72 -7.51
C ASN A 536 16.59 -18.44 -6.03
N TRP A 537 15.58 -19.11 -5.46
CA TRP A 537 15.24 -19.12 -4.02
C TRP A 537 15.31 -20.55 -3.47
N LYS A 538 16.28 -21.34 -3.95
CA LYS A 538 16.49 -22.75 -3.53
C LYS A 538 17.21 -22.78 -2.18
N TRP A 539 17.00 -23.84 -1.41
CA TRP A 539 17.49 -24.00 -0.01
C TRP A 539 19.03 -23.97 0.03
N ALA A 540 19.71 -24.57 -0.96
CA ALA A 540 21.18 -24.69 -1.02
C ALA A 540 21.84 -23.32 -1.27
N ASN A 541 21.15 -22.43 -2.00
CA ASN A 541 21.66 -21.08 -2.36
C ASN A 541 21.43 -20.09 -1.20
N LEU A 542 20.57 -20.44 -0.23
CA LEU A 542 20.22 -19.58 0.93
C LEU A 542 21.47 -19.39 1.82
N ALA A 543 22.32 -20.42 1.94
CA ALA A 543 23.60 -20.37 2.68
C ALA A 543 24.41 -19.13 2.25
N LYS A 544 24.53 -18.91 0.94
CA LYS A 544 25.31 -17.81 0.33
C LYS A 544 24.64 -16.46 0.65
N THR A 545 23.34 -16.34 0.36
CA THR A 545 22.57 -15.07 0.43
C THR A 545 22.48 -14.63 1.90
N TYR A 546 22.03 -15.51 2.80
CA TYR A 546 21.93 -15.27 4.26
C TYR A 546 23.30 -14.84 4.81
N SER A 547 24.36 -15.56 4.45
CA SER A 547 25.76 -15.30 4.88
C SER A 547 26.24 -13.96 4.32
N LEU A 548 25.68 -13.52 3.19
CA LEU A 548 25.92 -12.15 2.66
C LEU A 548 25.16 -11.15 3.54
N LEU A 549 23.85 -11.34 3.70
CA LEU A 549 22.95 -10.39 4.41
C LEU A 549 23.48 -10.12 5.82
N HIS A 550 23.93 -11.15 6.55
CA HIS A 550 24.42 -11.05 7.95
C HIS A 550 25.71 -10.23 8.04
N GLN A 551 26.43 -10.04 6.92
CA GLN A 551 27.64 -9.18 6.83
C GLN A 551 27.35 -7.90 6.02
N TRP A 552 26.14 -7.76 5.46
CA TRP A 552 25.73 -6.59 4.65
C TRP A 552 25.59 -5.38 5.55
N PRO A 553 26.17 -4.21 5.18
CA PRO A 553 26.15 -3.02 6.04
C PRO A 553 24.73 -2.45 6.10
N PRO A 554 24.28 -1.98 7.29
CA PRO A 554 22.90 -1.50 7.42
C PRO A 554 22.64 -0.37 6.42
N LEU A 555 21.47 -0.37 5.80
CA LEU A 555 21.08 0.59 4.74
C LEU A 555 20.03 1.58 5.29
N CYS A 556 19.82 2.67 4.56
CA CYS A 556 18.88 3.78 4.90
C CYS A 556 17.48 3.21 5.16
N PRO A 557 16.87 3.48 6.33
CA PRO A 557 15.56 2.90 6.69
C PRO A 557 14.45 3.22 5.67
N LEU A 558 14.51 4.39 5.04
CA LEU A 558 13.56 4.77 3.96
C LEU A 558 13.65 3.74 2.82
N ALA A 559 14.86 3.31 2.47
CA ALA A 559 15.13 2.33 1.39
C ALA A 559 14.75 0.92 1.84
N ALA A 560 14.68 0.68 3.16
CA ALA A 560 14.33 -0.63 3.76
C ALA A 560 12.82 -0.89 3.66
N LEU A 561 12.02 0.12 3.32
CA LEU A 561 10.56 -0.08 3.05
C LEU A 561 10.43 -1.07 1.89
N GLU A 562 11.25 -0.93 0.84
CA GLU A 562 11.19 -1.77 -0.38
C GLU A 562 11.26 -3.25 0.04
N LEU A 563 12.09 -3.58 1.04
CA LEU A 563 12.32 -4.97 1.51
C LEU A 563 11.12 -5.49 2.31
N LEU A 564 10.05 -4.70 2.46
CA LEU A 564 8.83 -5.11 3.22
C LEU A 564 7.67 -5.43 2.26
N ASP A 565 7.83 -5.20 0.95
CA ASP A 565 6.83 -5.58 -0.09
C ASP A 565 6.81 -7.10 -0.23
N ALA A 566 5.78 -7.64 -0.91
CA ALA A 566 5.52 -9.09 -1.03
C ALA A 566 6.70 -9.78 -1.74
N LYS A 567 7.35 -9.08 -2.67
CA LYS A 567 8.47 -9.61 -3.49
C LYS A 567 9.67 -10.00 -2.60
N PHE A 568 9.78 -9.46 -1.38
CA PHE A 568 10.85 -9.79 -0.40
C PHE A 568 10.23 -10.35 0.88
N ALA A 569 9.43 -11.42 0.75
CA ALA A 569 8.66 -12.04 1.86
C ALA A 569 9.46 -13.16 2.53
N ASP A 570 10.80 -13.06 2.57
CA ASP A 570 11.66 -13.98 3.35
C ASP A 570 11.76 -13.45 4.79
N GLN A 571 11.43 -14.29 5.77
CA GLN A 571 11.37 -13.93 7.21
C GLN A 571 12.68 -13.27 7.65
N GLU A 572 13.83 -13.80 7.19
CA GLU A 572 15.18 -13.31 7.58
C GLU A 572 15.43 -11.92 6.96
N VAL A 573 15.03 -11.74 5.70
CA VAL A 573 15.17 -10.44 4.98
C VAL A 573 14.29 -9.41 5.71
N ARG A 574 13.02 -9.74 5.97
CA ARG A 574 12.03 -8.88 6.66
C ARG A 574 12.61 -8.47 8.02
N SER A 575 13.08 -9.44 8.82
CA SER A 575 13.63 -9.23 10.19
C SER A 575 14.78 -8.21 10.11
N LEU A 576 15.73 -8.40 9.19
CA LEU A 576 16.89 -7.48 8.98
C LEU A 576 16.37 -6.10 8.60
N ALA A 577 15.35 -6.05 7.73
CA ALA A 577 14.69 -4.79 7.29
C ALA A 577 14.15 -4.06 8.52
N VAL A 578 13.46 -4.78 9.40
CA VAL A 578 12.90 -4.26 10.69
C VAL A 578 14.05 -3.83 11.60
N SER A 579 15.16 -4.58 11.60
CA SER A 579 16.37 -4.28 12.43
C SER A 579 16.97 -2.93 11.99
N TRP A 580 17.00 -2.67 10.68
CA TRP A 580 17.55 -1.42 10.10
C TRP A 580 16.54 -0.28 10.26
N MET A 581 15.23 -0.58 10.32
CA MET A 581 14.14 0.43 10.45
C MET A 581 14.33 1.20 11.76
N GLU A 582 14.85 0.55 12.79
CA GLU A 582 15.13 1.19 14.11
C GLU A 582 16.32 2.13 13.95
N ALA A 583 16.24 3.10 13.03
CA ALA A 583 17.19 4.22 12.89
C ALA A 583 16.44 5.54 12.68
N ILE A 584 15.13 5.49 12.41
CA ILE A 584 14.27 6.69 12.19
C ILE A 584 13.78 7.22 13.53
N SER A 585 13.52 8.53 13.59
CA SER A 585 12.76 9.20 14.66
C SER A 585 11.31 8.72 14.63
N ASP A 586 10.65 8.66 15.78
CA ASP A 586 9.19 8.38 15.88
C ASP A 586 8.46 9.38 14.98
N ASP A 587 8.87 10.66 14.99
CA ASP A 587 8.20 11.76 14.27
C ASP A 587 8.16 11.44 12.78
N GLU A 588 9.30 11.02 12.21
CA GLU A 588 9.44 10.61 10.78
C GLU A 588 8.59 9.35 10.53
N LEU A 589 8.54 8.44 11.50
CA LEU A 589 7.82 7.14 11.40
C LEU A 589 6.33 7.44 11.22
N ALA A 590 5.74 8.22 12.13
CA ALA A 590 4.29 8.48 12.20
C ALA A 590 3.75 8.79 10.81
N ASP A 591 4.48 9.58 10.03
CA ASP A 591 4.04 10.08 8.70
C ASP A 591 4.18 8.99 7.62
N LEU A 592 4.83 7.85 7.93
CA LEU A 592 5.01 6.68 7.03
C LEU A 592 4.15 5.50 7.50
N LEU A 593 3.47 5.65 8.63
CA LEU A 593 2.87 4.54 9.43
C LEU A 593 1.86 3.72 8.62
N PRO A 594 0.97 4.30 7.78
CA PRO A 594 -0.03 3.51 7.05
C PRO A 594 0.57 2.41 6.14
N GLN A 595 1.68 2.74 5.46
CA GLN A 595 2.49 1.79 4.65
C GLN A 595 2.85 0.57 5.50
N PHE A 596 3.28 0.78 6.74
CA PHE A 596 3.65 -0.32 7.67
C PHE A 596 2.42 -1.13 8.00
N VAL A 597 1.27 -0.49 8.16
CA VAL A 597 0.01 -1.19 8.54
C VAL A 597 -0.38 -2.14 7.39
N GLN A 598 -0.29 -1.68 6.15
CA GLN A 598 -0.58 -2.49 4.94
C GLN A 598 0.50 -3.56 4.76
N ALA A 599 1.74 -3.28 5.16
CA ALA A 599 2.88 -4.23 5.07
C ALA A 599 2.67 -5.40 6.03
N LEU A 600 1.78 -5.27 7.02
CA LEU A 600 1.48 -6.36 7.98
C LEU A 600 0.75 -7.50 7.26
N LYS A 601 0.18 -7.21 6.09
CA LYS A 601 -0.57 -8.21 5.29
C LYS A 601 0.39 -9.30 4.81
N TYR A 602 1.64 -8.93 4.50
CA TYR A 602 2.66 -9.82 3.90
C TYR A 602 3.39 -10.62 4.99
N GLU A 603 2.86 -10.68 6.21
CA GLU A 603 3.38 -11.58 7.27
C GLU A 603 2.37 -12.73 7.42
N ILE A 604 2.81 -13.97 7.20
CA ILE A 604 1.98 -15.21 7.25
C ILE A 604 1.81 -15.65 8.70
N TYR A 605 2.74 -15.27 9.55
CA TYR A 605 2.74 -15.56 11.00
C TYR A 605 2.37 -14.28 11.76
N LEU A 606 1.55 -14.42 12.81
CA LEU A 606 1.05 -13.26 13.58
C LEU A 606 2.24 -12.56 14.23
N ASN A 607 3.08 -13.31 14.94
CA ASN A 607 4.17 -12.76 15.79
C ASN A 607 5.38 -12.43 14.91
N SER A 608 5.22 -11.50 13.97
CA SER A 608 6.28 -11.05 13.02
C SER A 608 7.24 -10.09 13.72
N SER A 609 8.40 -9.82 13.12
CA SER A 609 9.33 -8.75 13.56
C SER A 609 8.61 -7.41 13.43
N LEU A 610 7.87 -7.22 12.34
CA LEU A 610 7.23 -5.93 11.99
C LEU A 610 6.31 -5.52 13.14
N VAL A 611 5.34 -6.37 13.48
CA VAL A 611 4.32 -6.07 14.53
C VAL A 611 5.06 -5.75 15.84
N ARG A 612 6.08 -6.52 16.21
CA ARG A 612 6.86 -6.28 17.44
C ARG A 612 7.44 -4.85 17.40
N PHE A 613 8.02 -4.45 16.27
CA PHE A 613 8.60 -3.10 16.07
C PHE A 613 7.51 -2.03 16.26
N LEU A 614 6.37 -2.18 15.56
CA LEU A 614 5.22 -1.22 15.61
C LEU A 614 4.72 -1.06 17.06
N LEU A 615 4.66 -2.16 17.83
CA LEU A 615 4.17 -2.13 19.23
C LEU A 615 5.23 -1.45 20.12
N SER A 616 6.50 -1.84 19.97
CA SER A 616 7.66 -1.17 20.60
C SER A 616 7.53 0.34 20.43
N ARG A 617 7.36 0.80 19.18
CA ARG A 617 7.32 2.25 18.83
C ARG A 617 6.04 2.90 19.38
N ALA A 618 4.93 2.16 19.42
CA ALA A 618 3.62 2.62 19.95
C ALA A 618 3.68 2.78 21.47
N LEU A 619 4.45 1.94 22.16
CA LEU A 619 4.65 2.04 23.64
C LEU A 619 5.59 3.20 23.97
N GLY A 620 6.54 3.51 23.08
CA GLY A 620 7.54 4.59 23.27
C GLY A 620 6.98 5.95 22.94
N ASN A 621 5.86 6.02 22.21
CA ASN A 621 5.24 7.30 21.75
C ASN A 621 3.73 7.14 21.58
N ILE A 622 2.95 7.93 22.33
CA ILE A 622 1.46 7.92 22.33
C ILE A 622 0.95 8.32 20.94
N GLN A 623 1.62 9.25 20.24
CA GLN A 623 1.16 9.71 18.91
C GLN A 623 1.16 8.53 17.93
N ILE A 624 2.20 7.70 17.97
CA ILE A 624 2.32 6.47 17.12
C ILE A 624 1.16 5.52 17.46
N ALA A 625 1.00 5.17 18.73
CA ALA A 625 -0.12 4.32 19.21
C ALA A 625 -1.45 4.91 18.75
N HIS A 626 -1.61 6.24 18.87
CA HIS A 626 -2.86 6.95 18.46
C HIS A 626 -3.09 6.77 16.96
N SER A 627 -2.07 6.95 16.13
CA SER A 627 -2.14 6.81 14.65
C SER A 627 -2.40 5.35 14.28
N LEU A 628 -1.67 4.41 14.90
CA LEU A 628 -1.83 2.96 14.66
C LEU A 628 -3.29 2.56 14.90
N TYR A 629 -3.92 3.14 15.93
CA TYR A 629 -5.31 2.78 16.35
C TYR A 629 -6.28 3.02 15.19
N TRP A 630 -6.28 4.21 14.59
CA TRP A 630 -7.23 4.58 13.51
C TRP A 630 -6.89 3.81 12.23
N LEU A 631 -5.60 3.61 11.94
CA LEU A 631 -5.14 2.84 10.75
C LEU A 631 -5.56 1.38 10.88
N LEU A 632 -5.40 0.76 12.05
CA LEU A 632 -5.83 -0.63 12.28
C LEU A 632 -7.37 -0.70 12.31
N LYS A 633 -8.03 0.37 12.75
CA LYS A 633 -9.51 0.42 12.81
C LYS A 633 -10.05 0.26 11.37
N ASP A 634 -9.59 1.11 10.45
CA ASP A 634 -10.12 1.14 9.05
C ASP A 634 -9.63 -0.10 8.31
N ALA A 635 -8.51 -0.69 8.76
CA ALA A 635 -7.91 -1.91 8.17
C ALA A 635 -8.71 -3.17 8.54
N LEU A 636 -9.64 -3.08 9.49
CA LEU A 636 -10.51 -4.22 9.90
C LEU A 636 -11.53 -4.53 8.81
N HIS A 637 -11.79 -3.60 7.89
CA HIS A 637 -12.83 -3.71 6.83
C HIS A 637 -12.39 -4.70 5.74
N ASP A 638 -11.13 -5.15 5.77
CA ASP A 638 -10.60 -6.24 4.90
C ASP A 638 -11.30 -7.55 5.27
N THR A 639 -11.68 -8.33 4.26
CA THR A 639 -12.41 -9.61 4.39
C THR A 639 -11.45 -10.70 4.88
N HIS A 640 -10.27 -10.81 4.25
CA HIS A 640 -9.25 -11.86 4.56
C HIS A 640 -8.47 -11.48 5.81
N PHE A 641 -7.78 -10.34 5.80
CA PHE A 641 -6.82 -9.90 6.85
C PHE A 641 -7.57 -9.31 8.06
N GLY A 642 -8.90 -9.17 7.98
CA GLY A 642 -9.75 -8.70 9.08
C GLY A 642 -9.31 -9.30 10.41
N SER A 643 -9.37 -10.63 10.52
CA SER A 643 -8.99 -11.40 11.73
C SER A 643 -7.63 -10.94 12.25
N ARG A 644 -6.60 -10.94 11.40
CA ARG A 644 -5.20 -10.58 11.76
C ARG A 644 -5.19 -9.17 12.39
N TYR A 645 -5.82 -8.21 11.72
CA TYR A 645 -5.83 -6.77 12.14
C TYR A 645 -6.56 -6.60 13.46
N GLU A 646 -7.58 -7.43 13.72
CA GLU A 646 -8.29 -7.45 15.03
C GLU A 646 -7.27 -7.86 16.10
N HIS A 647 -6.43 -8.86 15.81
CA HIS A 647 -5.45 -9.47 16.74
C HIS A 647 -4.31 -8.48 17.09
N VAL A 648 -3.85 -7.67 16.15
CA VAL A 648 -2.72 -6.71 16.38
C VAL A 648 -3.28 -5.48 17.08
N LEU A 649 -4.51 -5.08 16.75
CA LEU A 649 -5.22 -3.93 17.39
C LEU A 649 -5.49 -4.29 18.85
N GLY A 650 -6.01 -5.50 19.07
CA GLY A 650 -6.28 -6.05 20.43
C GLY A 650 -5.02 -6.07 21.28
N ALA A 651 -3.88 -6.36 20.65
CA ALA A 651 -2.55 -6.40 21.32
C ALA A 651 -2.09 -4.98 21.63
N LEU A 652 -2.36 -4.03 20.72
CA LEU A 652 -2.04 -2.59 20.93
C LEU A 652 -2.86 -2.04 22.09
N LEU A 653 -4.17 -2.29 22.11
CA LEU A 653 -5.10 -1.77 23.14
C LEU A 653 -4.72 -2.33 24.51
N SER A 654 -4.42 -3.63 24.59
CA SER A 654 -4.10 -4.35 25.85
C SER A 654 -2.75 -3.88 26.40
N VAL A 655 -1.84 -3.43 25.53
CA VAL A 655 -0.47 -2.98 25.93
C VAL A 655 -0.50 -1.47 26.22
N GLY A 656 -1.39 -0.73 25.55
CA GLY A 656 -1.49 0.75 25.64
C GLY A 656 -1.99 1.26 26.99
N GLY A 657 -2.58 0.38 27.80
CA GLY A 657 -3.04 0.69 29.17
C GLY A 657 -4.48 1.18 29.19
N LYS A 658 -5.09 1.18 30.38
CA LYS A 658 -6.50 1.57 30.63
C LYS A 658 -6.71 3.05 30.29
N GLY A 659 -5.78 3.93 30.70
CA GLY A 659 -5.85 5.38 30.44
C GLY A 659 -5.99 5.68 28.96
N LEU A 660 -5.01 5.23 28.16
CA LEU A 660 -4.98 5.43 26.68
C LEU A 660 -6.26 4.84 26.08
N ARG A 661 -6.54 3.56 26.36
CA ARG A 661 -7.65 2.83 25.69
C ARG A 661 -8.96 3.54 26.01
N GLU A 662 -9.18 3.94 27.27
CA GLU A 662 -10.40 4.66 27.73
C GLU A 662 -10.54 6.00 27.02
N GLU A 663 -9.41 6.69 26.77
CA GLU A 663 -9.37 7.93 25.95
C GLU A 663 -9.81 7.62 24.52
N LEU A 664 -9.31 6.52 23.94
CA LEU A 664 -9.59 6.12 22.53
C LEU A 664 -11.06 5.69 22.41
N SER A 665 -11.59 5.00 23.42
CA SER A 665 -13.02 4.60 23.49
C SER A 665 -13.90 5.85 23.47
N LYS A 666 -13.50 6.89 24.21
CA LYS A 666 -14.19 8.20 24.22
C LYS A 666 -14.19 8.74 22.78
N GLN A 667 -13.02 8.78 22.14
CA GLN A 667 -12.86 9.35 20.77
C GLN A 667 -13.73 8.57 19.78
N MET A 668 -13.80 7.25 19.93
CA MET A 668 -14.57 6.36 19.02
C MET A 668 -16.05 6.76 19.09
N LYS A 669 -16.61 6.91 20.30
CA LYS A 669 -18.04 7.25 20.49
C LYS A 669 -18.29 8.66 19.96
N LEU A 670 -17.36 9.60 20.16
CA LEU A 670 -17.47 10.98 19.63
C LEU A 670 -17.61 10.92 18.11
N VAL A 671 -16.77 10.10 17.47
CA VAL A 671 -16.76 9.88 15.99
C VAL A 671 -18.14 9.36 15.57
N GLN A 672 -18.65 8.34 16.26
CA GLN A 672 -19.93 7.65 15.92
C GLN A 672 -21.09 8.66 16.02
N LEU A 673 -21.12 9.45 17.09
CA LEU A 673 -22.18 10.46 17.34
C LEU A 673 -22.16 11.51 16.21
N LEU A 674 -20.99 12.08 15.90
CA LEU A 674 -20.82 13.10 14.84
C LEU A 674 -21.16 12.47 13.48
N GLY A 675 -20.86 11.18 13.31
CA GLY A 675 -21.27 10.39 12.12
C GLY A 675 -22.76 10.51 11.92
N GLY A 676 -23.52 9.97 12.88
CA GLY A 676 -25.00 9.97 12.92
C GLY A 676 -25.59 11.34 12.65
N VAL A 677 -25.01 12.40 13.24
CA VAL A 677 -25.43 13.81 13.04
C VAL A 677 -25.27 14.18 11.56
N ALA A 678 -24.09 13.91 10.99
CA ALA A 678 -23.71 14.28 9.60
C ALA A 678 -24.59 13.53 8.60
N GLU A 679 -24.95 12.28 8.92
CA GLU A 679 -25.79 11.40 8.06
C GLU A 679 -27.24 11.89 8.04
N LYS A 680 -27.69 12.55 9.12
CA LYS A 680 -29.07 13.09 9.24
C LYS A 680 -29.24 14.33 8.34
N VAL A 681 -28.13 14.97 7.94
CA VAL A 681 -28.14 16.19 7.09
C VAL A 681 -28.31 15.80 5.62
N ARG A 682 -27.89 14.60 5.23
CA ARG A 682 -28.10 14.04 3.87
C ARG A 682 -29.59 13.79 3.64
N GLN A 683 -30.36 13.52 4.71
CA GLN A 683 -31.81 13.19 4.66
C GLN A 683 -32.59 14.40 4.12
N ALA A 684 -32.36 15.59 4.69
CA ALA A 684 -33.13 16.82 4.42
C ALA A 684 -32.35 17.75 3.48
N SER A 685 -33.01 18.24 2.42
CA SER A 685 -32.49 19.25 1.45
C SER A 685 -33.32 20.54 1.53
N GLY A 686 -34.29 20.61 2.46
CA GLY A 686 -35.09 21.82 2.70
C GLY A 686 -34.43 22.75 3.70
N SER A 687 -35.17 23.75 4.19
CA SER A 687 -34.76 24.67 5.28
C SER A 687 -34.69 23.89 6.61
N THR A 688 -35.49 22.82 6.73
CA THR A 688 -35.55 21.89 7.89
C THR A 688 -34.15 21.38 8.25
N ARG A 689 -33.28 21.18 7.25
CA ARG A 689 -31.90 20.66 7.41
C ARG A 689 -31.20 21.40 8.56
N GLN A 690 -31.23 22.74 8.56
CA GLN A 690 -30.49 23.59 9.53
C GLN A 690 -31.04 23.40 10.95
N VAL A 691 -32.29 22.95 11.09
CA VAL A 691 -32.95 22.68 12.40
C VAL A 691 -32.52 21.29 12.91
N VAL A 692 -32.32 20.33 12.00
CA VAL A 692 -32.01 18.90 12.34
C VAL A 692 -30.66 18.82 13.07
N LEU A 693 -29.78 19.81 12.87
CA LEU A 693 -28.45 19.91 13.53
C LEU A 693 -28.63 20.01 15.05
N GLN A 694 -29.51 20.90 15.52
CA GLN A 694 -29.72 21.20 16.96
C GLN A 694 -30.43 20.02 17.64
N LYS A 695 -31.41 19.40 16.98
CA LYS A 695 -32.18 18.25 17.54
C LYS A 695 -31.27 17.01 17.64
N SER A 696 -30.35 16.86 16.69
CA SER A 696 -29.36 15.75 16.63
C SER A 696 -28.19 16.01 17.60
N MET A 697 -28.06 17.25 18.11
CA MET A 697 -26.97 17.69 19.00
C MET A 697 -27.23 17.25 20.45
N GLU A 698 -28.48 16.92 20.79
CA GLU A 698 -28.89 16.46 22.14
C GLU A 698 -27.98 15.30 22.58
N ARG A 699 -27.78 14.29 21.71
CA ARG A 699 -27.03 13.04 22.02
C ARG A 699 -25.53 13.34 22.12
N VAL A 700 -25.03 14.34 21.40
CA VAL A 700 -23.57 14.62 21.28
C VAL A 700 -23.09 15.39 22.52
N GLN A 701 -23.74 16.51 22.84
CA GLN A 701 -23.30 17.43 23.92
C GLN A 701 -23.55 16.80 25.29
N SER A 702 -24.44 15.80 25.36
CA SER A 702 -24.80 15.07 26.60
C SER A 702 -23.59 14.29 27.14
N PHE A 703 -22.87 13.56 26.27
CA PHE A 703 -21.71 12.70 26.66
C PHE A 703 -20.49 13.56 26.98
N PHE A 704 -20.44 14.81 26.51
CA PHE A 704 -19.37 15.79 26.82
C PHE A 704 -19.41 16.14 28.32
N LEU A 705 -20.57 16.02 28.96
CA LEU A 705 -20.74 16.21 30.43
C LEU A 705 -19.91 15.14 31.16
N ARG A 706 -18.88 15.56 31.89
CA ARG A 706 -17.94 14.69 32.67
C ARG A 706 -17.17 13.75 31.72
N ASN A 707 -16.80 14.22 30.51
CA ASN A 707 -15.97 13.47 29.53
C ASN A 707 -15.17 14.44 28.64
N LYS A 708 -14.00 14.85 29.12
CA LYS A 708 -13.05 15.72 28.39
C LYS A 708 -12.40 14.91 27.26
N CYS A 709 -13.10 14.76 26.14
CA CYS A 709 -12.66 13.97 24.96
C CYS A 709 -11.62 14.76 24.16
N ARG A 710 -10.57 14.09 23.68
CA ARG A 710 -9.51 14.69 22.82
C ARG A 710 -10.01 14.67 21.37
N LEU A 711 -9.49 15.57 20.54
CA LEU A 711 -9.84 15.68 19.10
C LEU A 711 -9.13 14.55 18.34
N PRO A 712 -9.87 13.63 17.68
CA PRO A 712 -9.26 12.49 17.01
C PRO A 712 -8.25 12.88 15.92
N LEU A 713 -8.49 13.99 15.21
CA LEU A 713 -7.60 14.48 14.13
C LEU A 713 -6.31 15.07 14.73
N LYS A 714 -6.42 15.82 15.84
CA LYS A 714 -5.24 16.37 16.57
C LYS A 714 -5.39 16.10 18.07
N PRO A 715 -4.93 14.93 18.56
CA PRO A 715 -5.18 14.51 19.95
C PRO A 715 -4.63 15.48 21.02
N SER A 716 -3.70 16.37 20.66
CA SER A 716 -3.15 17.40 21.58
C SER A 716 -4.28 18.33 22.04
N LEU A 717 -5.27 18.59 21.18
CA LEU A 717 -6.45 19.44 21.49
C LEU A 717 -7.49 18.63 22.27
N VAL A 718 -7.98 19.19 23.39
CA VAL A 718 -9.07 18.62 24.24
C VAL A 718 -10.29 19.51 24.06
N ALA A 719 -11.49 18.92 24.13
CA ALA A 719 -12.79 19.61 23.92
C ALA A 719 -13.70 19.42 25.16
N LYS A 720 -14.47 20.47 25.48
CA LYS A 720 -15.46 20.49 26.59
C LYS A 720 -16.86 20.36 26.01
N GLU A 721 -17.27 21.25 25.12
CA GLU A 721 -18.61 21.22 24.46
C GLU A 721 -18.56 21.99 23.14
N LEU A 722 -19.68 22.05 22.42
CA LEU A 722 -19.78 22.69 21.08
C LEU A 722 -20.28 24.13 21.22
N ASN A 723 -20.10 24.92 20.17
CA ASN A 723 -20.68 26.28 20.00
C ASN A 723 -21.73 26.22 18.90
N ILE A 724 -23.01 26.04 19.28
CA ILE A 724 -24.14 25.81 18.35
C ILE A 724 -24.14 26.92 17.29
N LYS A 725 -23.99 28.18 17.71
CA LYS A 725 -24.03 29.38 16.81
C LYS A 725 -22.94 29.24 15.74
N SER A 726 -21.76 28.76 16.12
CA SER A 726 -20.57 28.64 15.23
C SER A 726 -20.73 27.45 14.28
N CYS A 727 -21.08 26.28 14.82
CA CYS A 727 -21.29 25.03 14.03
C CYS A 727 -22.30 25.31 12.92
N SER A 728 -21.91 25.07 11.67
CA SER A 728 -22.77 25.20 10.46
C SER A 728 -22.48 24.03 9.51
N PHE A 729 -23.31 23.89 8.47
CA PHE A 729 -23.15 22.87 7.40
C PHE A 729 -22.26 23.45 6.29
N PHE A 730 -22.07 22.68 5.21
CA PHE A 730 -21.37 23.11 3.97
C PHE A 730 -22.24 22.73 2.76
N SER A 731 -22.49 23.70 1.87
CA SER A 731 -23.42 23.59 0.72
C SER A 731 -22.68 23.04 -0.50
N SER A 732 -22.56 21.71 -0.58
CA SER A 732 -21.98 20.95 -1.73
C SER A 732 -22.96 19.83 -2.13
N ASN A 733 -22.49 18.57 -2.16
CA ASN A 733 -23.32 17.37 -2.44
C ASN A 733 -23.22 16.37 -1.28
N ALA A 734 -22.07 16.32 -0.59
CA ALA A 734 -21.81 15.40 0.53
C ALA A 734 -22.42 15.94 1.83
N MET A 735 -22.70 17.26 1.88
CA MET A 735 -23.21 17.98 3.07
C MET A 735 -22.28 17.74 4.26
N PRO A 736 -21.00 18.19 4.20
CA PRO A 736 -20.11 18.12 5.35
C PRO A 736 -20.58 19.13 6.42
N LEU A 737 -20.10 18.95 7.66
CA LEU A 737 -20.43 19.81 8.83
C LEU A 737 -19.12 20.33 9.42
N LYS A 738 -19.00 21.64 9.62
CA LYS A 738 -17.89 22.23 10.43
C LYS A 738 -18.35 22.24 11.89
N VAL A 739 -17.61 21.54 12.75
CA VAL A 739 -17.86 21.48 14.21
C VAL A 739 -16.90 22.45 14.90
N THR A 740 -17.43 23.53 15.49
CA THR A 740 -16.65 24.44 16.37
C THR A 740 -16.85 23.96 17.80
N MET A 741 -15.82 23.36 18.40
CA MET A 741 -15.78 22.94 19.82
C MET A 741 -14.99 23.99 20.61
N VAL A 742 -15.49 24.36 21.80
CA VAL A 742 -14.75 25.23 22.76
C VAL A 742 -13.57 24.41 23.29
N ASN A 743 -12.40 25.03 23.38
CA ASN A 743 -11.17 24.40 23.94
C ASN A 743 -11.36 24.24 25.45
N ALA A 744 -10.88 23.14 26.03
CA ALA A 744 -10.90 22.87 27.49
C ALA A 744 -9.90 23.79 28.20
N ASP A 745 -8.68 23.92 27.64
CA ASP A 745 -7.67 24.89 28.11
C ASP A 745 -8.08 26.29 27.67
N PRO A 746 -8.31 27.24 28.61
CA PRO A 746 -8.73 28.60 28.25
C PRO A 746 -7.69 29.41 27.45
N LEU A 747 -6.41 29.03 27.53
CA LEU A 747 -5.31 29.60 26.71
C LEU A 747 -5.55 29.28 25.24
N GLY A 748 -6.01 28.06 24.95
CA GLY A 748 -6.26 27.57 23.58
C GLY A 748 -7.48 28.21 22.96
N GLU A 749 -7.43 28.46 21.64
CA GLU A 749 -8.55 29.03 20.85
C GLU A 749 -9.54 27.91 20.49
N GLU A 750 -10.75 28.30 20.08
CA GLU A 750 -11.84 27.36 19.70
C GLU A 750 -11.32 26.45 18.58
N ILE A 751 -11.86 25.24 18.50
CA ILE A 751 -11.43 24.16 17.57
C ILE A 751 -12.45 24.04 16.43
N ASN A 752 -12.10 24.59 15.26
CA ASN A 752 -12.86 24.42 13.99
C ASN A 752 -12.31 23.17 13.26
N VAL A 753 -13.18 22.20 12.96
CA VAL A 753 -12.86 20.93 12.25
C VAL A 753 -14.04 20.55 11.35
N MET A 754 -13.74 20.10 10.12
CA MET A 754 -14.75 19.54 9.18
C MET A 754 -14.91 18.04 9.44
N PHE A 755 -16.09 17.49 9.16
CA PHE A 755 -16.38 16.03 9.29
C PHE A 755 -17.32 15.59 8.15
N LYS A 756 -16.85 14.64 7.33
CA LYS A 756 -17.45 14.24 6.02
C LYS A 756 -18.02 12.82 6.12
N VAL A 757 -19.11 12.55 5.41
CA VAL A 757 -19.76 11.20 5.27
C VAL A 757 -20.14 10.98 3.80
N GLY A 758 -20.14 9.73 3.34
CA GLY A 758 -20.51 9.34 1.96
C GLY A 758 -19.31 9.10 1.07
N GLU A 759 -18.33 10.02 1.09
CA GLU A 759 -17.11 9.98 0.22
C GLU A 759 -15.98 9.25 0.97
N ASP A 760 -15.17 8.48 0.24
CA ASP A 760 -14.02 7.71 0.77
C ASP A 760 -12.79 8.62 0.89
N LEU A 761 -12.22 8.73 2.09
CA LEU A 761 -11.11 9.69 2.41
C LEU A 761 -9.75 8.99 2.29
N ARG A 762 -9.72 7.66 2.18
CA ARG A 762 -8.48 6.85 2.06
C ARG A 762 -7.59 7.46 0.97
N GLN A 763 -8.19 7.85 -0.16
CA GLN A 763 -7.50 8.44 -1.34
C GLN A 763 -6.91 9.79 -0.93
N ASP A 764 -7.73 10.64 -0.31
CA ASP A 764 -7.31 11.98 0.15
C ASP A 764 -6.12 11.84 1.10
N MET A 765 -6.22 10.92 2.07
CA MET A 765 -5.15 10.66 3.07
C MET A 765 -3.84 10.36 2.34
N LEU A 766 -3.85 9.41 1.41
CA LEU A 766 -2.65 8.99 0.63
C LEU A 766 -2.12 10.20 -0.15
N ALA A 767 -2.98 10.95 -0.83
CA ALA A 767 -2.60 12.15 -1.61
C ALA A 767 -1.83 13.10 -0.69
N LEU A 768 -2.44 13.45 0.44
CA LEU A 768 -1.92 14.45 1.40
C LEU A 768 -0.58 13.97 1.99
N GLN A 769 -0.49 12.68 2.34
CA GLN A 769 0.75 12.05 2.85
C GLN A 769 1.87 12.25 1.84
N MET A 770 1.56 12.09 0.55
CA MET A 770 2.55 12.28 -0.55
C MET A 770 2.97 13.74 -0.55
N ILE A 771 2.03 14.67 -0.49
CA ILE A 771 2.32 16.14 -0.58
C ILE A 771 3.16 16.51 0.63
N LYS A 772 2.79 16.05 1.83
CA LYS A 772 3.55 16.33 3.08
C LYS A 772 5.00 15.87 2.92
N ILE A 773 5.20 14.66 2.36
CA ILE A 773 6.55 14.04 2.18
C ILE A 773 7.32 14.77 1.08
N MET A 774 6.62 15.33 0.08
CA MET A 774 7.23 16.18 -0.97
C MET A 774 7.82 17.44 -0.30
N ASP A 775 7.02 18.14 0.49
CA ASP A 775 7.45 19.34 1.24
C ASP A 775 8.62 18.98 2.15
N LYS A 776 8.53 17.82 2.81
CA LYS A 776 9.57 17.34 3.76
C LYS A 776 10.91 17.26 3.01
N ILE A 777 10.97 16.49 1.92
CA ILE A 777 12.22 16.25 1.15
C ILE A 777 12.67 17.56 0.46
N TRP A 778 11.74 18.47 0.19
CA TRP A 778 12.05 19.82 -0.37
C TRP A 778 12.87 20.63 0.65
N LEU A 779 12.32 20.84 1.85
CA LEU A 779 12.99 21.62 2.93
C LEU A 779 14.08 20.77 3.61
N LYS A 780 14.20 19.49 3.27
CA LYS A 780 15.34 18.62 3.69
C LYS A 780 16.60 19.00 2.89
N GLU A 781 16.43 19.63 1.74
CA GLU A 781 17.56 20.10 0.87
C GLU A 781 17.70 21.63 0.98
N GLY A 782 16.71 22.30 1.57
CA GLY A 782 16.77 23.75 1.83
C GLY A 782 15.80 24.54 0.96
N LEU A 783 14.80 23.89 0.38
CA LEU A 783 13.71 24.54 -0.39
C LEU A 783 12.42 24.50 0.43
N ASP A 784 11.98 25.67 0.91
CA ASP A 784 10.72 25.85 1.68
C ASP A 784 9.76 26.64 0.80
N LEU A 785 8.93 25.94 0.03
CA LEU A 785 7.90 26.54 -0.85
C LEU A 785 6.64 26.88 -0.04
N ARG A 786 6.78 27.00 1.29
CA ARG A 786 5.69 27.42 2.19
C ARG A 786 4.40 26.76 1.70
N MET A 787 4.29 25.45 1.90
CA MET A 787 3.11 24.64 1.49
C MET A 787 2.08 24.66 2.62
N VAL A 788 0.80 24.51 2.27
CA VAL A 788 -0.32 24.34 3.24
C VAL A 788 -0.52 22.84 3.46
N ILE A 789 -0.23 22.34 4.65
CA ILE A 789 -0.40 20.91 5.04
C ILE A 789 -1.59 20.84 6.00
N PHE A 790 -2.73 20.36 5.52
CA PHE A 790 -3.93 20.07 6.34
C PHE A 790 -4.09 18.55 6.44
N ARG A 791 -4.37 18.06 7.65
CA ARG A 791 -4.51 16.62 7.99
C ARG A 791 -5.90 16.14 7.57
N CYS A 792 -6.15 14.84 7.74
CA CYS A 792 -7.42 14.15 7.44
C CYS A 792 -7.36 12.77 8.08
N LEU A 793 -8.46 12.31 8.71
CA LEU A 793 -8.51 11.01 9.41
C LEU A 793 -9.73 10.21 8.95
N SER A 794 -9.51 9.11 8.22
CA SER A 794 -10.55 8.08 7.95
C SER A 794 -10.95 7.45 9.28
N THR A 795 -12.08 7.87 9.85
CA THR A 795 -12.57 7.44 11.18
C THR A 795 -13.48 6.20 11.05
N GLY A 796 -13.69 5.71 9.82
CA GLY A 796 -14.52 4.51 9.58
C GLY A 796 -14.81 4.29 8.10
N ARG A 797 -16.07 3.96 7.79
CA ARG A 797 -16.52 3.48 6.46
C ARG A 797 -17.01 4.67 5.62
N ASP A 798 -16.12 5.22 4.79
CA ASP A 798 -16.42 6.34 3.87
C ASP A 798 -16.94 7.54 4.68
N ARG A 799 -16.27 7.85 5.80
CA ARG A 799 -16.54 9.05 6.63
C ARG A 799 -15.39 9.28 7.60
N GLY A 800 -15.05 10.54 7.86
CA GLY A 800 -13.93 10.91 8.75
C GLY A 800 -13.75 12.42 8.86
N MET A 801 -12.83 12.84 9.73
CA MET A 801 -12.56 14.26 10.06
C MET A 801 -11.56 14.85 9.07
N VAL A 802 -11.68 16.16 8.82
CA VAL A 802 -10.78 16.94 7.92
C VAL A 802 -10.35 18.20 8.67
N GLU A 803 -9.05 18.48 8.70
CA GLU A 803 -8.49 19.71 9.30
C GLU A 803 -9.04 20.89 8.49
N LEU A 804 -9.57 21.89 9.19
CA LEU A 804 -10.12 23.13 8.58
C LEU A 804 -9.01 24.18 8.55
N VAL A 805 -8.94 24.94 7.45
CA VAL A 805 -7.95 26.05 7.23
C VAL A 805 -8.66 27.39 7.40
N PRO A 806 -8.24 28.25 8.35
CA PRO A 806 -8.90 29.53 8.57
C PRO A 806 -8.59 30.55 7.47
N ALA A 807 -9.54 31.44 7.18
CA ALA A 807 -9.40 32.56 6.23
C ALA A 807 -8.92 32.03 4.89
N SER A 808 -9.73 31.20 4.24
CA SER A 808 -9.45 30.55 2.94
C SER A 808 -10.76 30.18 2.23
N ASP A 809 -10.88 30.53 0.94
CA ASP A 809 -12.05 30.22 0.09
C ASP A 809 -11.58 29.69 -1.26
N THR A 810 -12.46 28.99 -1.97
CA THR A 810 -12.21 28.37 -3.30
C THR A 810 -12.21 29.48 -4.36
N LEU A 811 -11.91 29.14 -5.62
CA LEU A 811 -11.80 30.11 -6.75
C LEU A 811 -13.19 30.49 -7.30
N ARG A 812 -14.22 29.70 -7.02
CA ARG A 812 -15.63 29.99 -7.41
C ARG A 812 -16.15 31.16 -6.56
N LYS A 813 -15.97 31.10 -5.24
CA LYS A 813 -16.46 32.15 -4.29
C LYS A 813 -15.70 33.46 -4.54
N ILE A 814 -14.41 33.38 -4.87
CA ILE A 814 -13.57 34.58 -5.20
C ILE A 814 -14.06 35.16 -6.54
N GLN A 815 -14.46 34.30 -7.49
CA GLN A 815 -14.95 34.70 -8.83
C GLN A 815 -16.23 35.54 -8.69
N VAL A 816 -17.19 35.10 -7.87
CA VAL A 816 -18.53 35.76 -7.72
C VAL A 816 -18.35 37.14 -7.06
N GLU A 817 -17.29 37.32 -6.25
CA GLU A 817 -16.89 38.64 -5.68
C GLU A 817 -16.22 39.46 -6.79
N LEU A 829 -9.52 38.26 -8.09
CA LEU A 829 -8.48 37.43 -7.40
C LEU A 829 -7.50 38.35 -6.66
N ALA A 830 -6.88 39.28 -7.39
CA ALA A 830 -5.91 40.27 -6.86
C ALA A 830 -6.61 41.23 -5.88
N GLU A 831 -7.91 41.47 -6.07
CA GLU A 831 -8.76 42.34 -5.21
C GLU A 831 -9.04 41.63 -3.89
N TRP A 832 -9.17 40.30 -3.92
CA TRP A 832 -9.41 39.44 -2.73
C TRP A 832 -8.21 39.53 -1.78
N LEU A 833 -6.99 39.32 -2.31
CA LEU A 833 -5.72 39.41 -1.56
C LEU A 833 -5.49 40.85 -1.06
N ARG A 834 -5.80 41.84 -1.91
CA ARG A 834 -5.70 43.29 -1.58
C ARG A 834 -6.55 43.60 -0.34
N LYS A 835 -7.76 43.03 -0.25
CA LYS A 835 -8.69 43.26 0.89
C LYS A 835 -8.01 42.81 2.19
N TYR A 836 -7.37 41.65 2.18
CA TYR A 836 -6.76 41.00 3.38
C TYR A 836 -5.36 41.57 3.64
N ASN A 837 -4.68 42.02 2.59
CA ASN A 837 -3.39 42.75 2.67
C ASN A 837 -3.54 44.09 1.96
N PRO A 838 -4.02 45.17 2.65
CA PRO A 838 -4.31 46.45 2.01
C PRO A 838 -3.07 47.12 1.36
N SER A 839 -1.98 47.26 2.12
CA SER A 839 -0.71 47.91 1.68
C SER A 839 -0.13 47.16 0.48
N GLU A 840 0.38 47.89 -0.52
CA GLU A 840 1.05 47.33 -1.72
C GLU A 840 2.41 46.74 -1.32
N GLU A 841 2.96 47.21 -0.19
CA GLU A 841 4.19 46.65 0.45
C GLU A 841 3.86 45.24 0.96
N GLU A 842 2.78 45.11 1.74
CA GLU A 842 2.29 43.83 2.32
C GLU A 842 1.72 42.92 1.22
N TYR A 843 1.14 43.52 0.17
CA TYR A 843 0.52 42.80 -0.97
C TYR A 843 1.59 42.04 -1.75
N GLU A 844 2.71 42.68 -2.09
CA GLU A 844 3.84 42.08 -2.84
C GLU A 844 4.46 40.94 -2.03
N LYS A 845 4.54 41.11 -0.70
CA LYS A 845 5.06 40.07 0.24
C LYS A 845 4.07 38.91 0.33
N ALA A 846 2.76 39.20 0.21
CA ALA A 846 1.66 38.20 0.25
C ALA A 846 1.57 37.45 -1.09
N SER A 847 1.98 38.10 -2.17
CA SER A 847 2.05 37.53 -3.55
C SER A 847 3.26 36.59 -3.65
N GLU A 848 4.37 36.95 -3.00
CA GLU A 848 5.60 36.11 -2.92
C GLU A 848 5.22 34.70 -2.42
N ASN A 849 4.38 34.63 -1.38
CA ASN A 849 3.85 33.37 -0.81
C ASN A 849 3.08 32.60 -1.90
N PHE A 850 2.25 33.29 -2.69
CA PHE A 850 1.44 32.72 -3.79
C PHE A 850 2.36 32.01 -4.80
N ILE A 851 3.46 32.65 -5.18
CA ILE A 851 4.43 32.14 -6.21
C ILE A 851 5.00 30.80 -5.73
N TYR A 852 5.47 30.75 -4.48
CA TYR A 852 6.15 29.57 -3.87
C TYR A 852 5.15 28.42 -3.68
N SER A 853 3.96 28.72 -3.17
CA SER A 853 2.89 27.72 -2.87
C SER A 853 2.37 27.12 -4.19
N CYS A 854 2.07 27.98 -5.16
CA CYS A 854 1.59 27.59 -6.52
C CYS A 854 2.61 26.64 -7.17
N ALA A 855 3.89 27.04 -7.20
CA ALA A 855 5.01 26.23 -7.74
C ALA A 855 4.98 24.82 -7.13
N GLY A 856 5.01 24.74 -5.80
CA GLY A 856 4.90 23.47 -5.06
C GLY A 856 3.66 22.69 -5.47
N CYS A 857 2.53 23.38 -5.66
CA CYS A 857 1.25 22.76 -6.10
C CYS A 857 1.41 22.22 -7.52
N CYS A 858 2.02 23.00 -8.42
CA CYS A 858 2.30 22.61 -9.84
C CYS A 858 3.03 21.26 -9.87
N VAL A 859 4.18 21.16 -9.18
CA VAL A 859 5.06 19.96 -9.23
C VAL A 859 4.30 18.78 -8.62
N ALA A 860 3.48 19.01 -7.60
CA ALA A 860 2.69 17.97 -6.91
C ALA A 860 1.57 17.46 -7.83
N THR A 861 0.91 18.36 -8.56
CA THR A 861 -0.25 18.08 -9.43
C THR A 861 0.17 17.23 -10.64
N TYR A 862 1.29 17.57 -11.28
CA TYR A 862 1.89 16.80 -12.41
C TYR A 862 2.33 15.43 -11.88
N VAL A 863 3.28 15.41 -10.94
CA VAL A 863 3.99 14.18 -10.48
C VAL A 863 2.97 13.16 -9.94
N LEU A 864 1.95 13.60 -9.19
CA LEU A 864 0.92 12.70 -8.64
C LEU A 864 -0.05 12.29 -9.75
N GLY A 865 -0.29 13.17 -10.73
CA GLY A 865 -1.25 12.92 -11.82
C GLY A 865 -2.67 13.29 -11.40
N ILE A 866 -2.80 14.28 -10.53
CA ILE A 866 -4.13 14.88 -10.17
C ILE A 866 -4.45 15.92 -11.25
N CYS A 867 -5.30 15.54 -12.21
CA CYS A 867 -5.61 16.32 -13.43
C CYS A 867 -6.87 17.15 -13.24
N ASP A 868 -7.88 16.62 -12.53
CA ASP A 868 -9.23 17.23 -12.38
C ASP A 868 -9.12 18.53 -11.55
N ARG A 869 -8.40 19.53 -12.07
CA ARG A 869 -8.14 20.82 -11.40
C ARG A 869 -9.07 21.89 -11.98
N HIS A 870 -10.13 22.24 -11.25
CA HIS A 870 -11.08 23.35 -11.57
C HIS A 870 -11.19 24.31 -10.37
N ASN A 871 -11.97 25.37 -10.52
CA ASN A 871 -12.12 26.49 -9.55
C ASN A 871 -12.59 25.97 -8.19
N ASP A 872 -13.24 24.80 -8.12
CA ASP A 872 -13.84 24.27 -6.87
C ASP A 872 -12.80 23.51 -6.03
N ASN A 873 -11.80 22.88 -6.65
CA ASN A 873 -10.80 22.05 -5.93
C ASN A 873 -9.49 22.82 -5.74
N ILE A 874 -9.29 23.93 -6.47
CA ILE A 874 -8.17 24.89 -6.21
C ILE A 874 -8.66 25.88 -5.16
N MET A 875 -7.85 26.12 -4.14
CA MET A 875 -8.25 26.96 -2.99
C MET A 875 -7.10 27.90 -2.63
N LEU A 876 -7.44 29.10 -2.16
CA LEU A 876 -6.47 30.13 -1.73
C LEU A 876 -6.86 30.63 -0.34
N ARG A 877 -5.87 30.92 0.49
CA ARG A 877 -6.04 31.51 1.84
C ARG A 877 -5.63 32.99 1.80
N SER A 878 -5.96 33.73 2.85
CA SER A 878 -5.80 35.21 2.96
C SER A 878 -4.34 35.61 2.80
N THR A 879 -3.41 34.80 3.31
CA THR A 879 -1.95 35.09 3.31
C THR A 879 -1.40 34.95 1.87
N GLY A 880 -2.11 34.25 0.99
CA GLY A 880 -1.75 34.11 -0.44
C GLY A 880 -1.27 32.71 -0.79
N HIS A 881 -1.13 31.82 0.20
CA HIS A 881 -0.74 30.41 0.00
C HIS A 881 -1.86 29.68 -0.74
N MET A 882 -1.52 28.93 -1.79
CA MET A 882 -2.45 28.12 -2.60
C MET A 882 -2.35 26.65 -2.15
N PHE A 883 -3.48 25.95 -2.09
CA PHE A 883 -3.57 24.51 -1.71
C PHE A 883 -4.75 23.85 -2.43
N HIS A 884 -4.56 22.59 -2.86
CA HIS A 884 -5.60 21.73 -3.48
C HIS A 884 -6.31 20.94 -2.38
N ILE A 885 -7.63 20.75 -2.50
CA ILE A 885 -8.49 20.17 -1.41
C ILE A 885 -9.05 18.81 -1.84
N ASP A 886 -9.57 18.69 -3.06
CA ASP A 886 -10.18 17.43 -3.53
C ASP A 886 -9.10 16.62 -4.23
N PHE A 887 -9.10 15.30 -4.01
CA PHE A 887 -8.19 14.32 -4.68
C PHE A 887 -9.01 13.10 -5.10
N GLY A 888 -10.08 13.32 -5.86
CA GLY A 888 -10.93 12.25 -6.40
C GLY A 888 -10.13 11.26 -7.23
N LYS A 889 -9.40 11.77 -8.22
CA LYS A 889 -8.57 10.99 -9.18
C LYS A 889 -7.11 11.44 -9.05
N PHE A 890 -6.46 11.05 -7.95
CA PHE A 890 -5.10 11.54 -7.56
C PHE A 890 -4.03 10.91 -8.47
N LEU A 891 -4.24 9.66 -8.92
CA LEU A 891 -3.19 8.89 -9.64
C LEU A 891 -3.64 8.58 -11.07
N GLY A 892 -4.47 9.44 -11.66
CA GLY A 892 -5.02 9.26 -13.02
C GLY A 892 -4.03 9.67 -14.11
N HIS A 893 -2.81 9.09 -14.08
CA HIS A 893 -1.70 9.41 -15.00
C HIS A 893 -2.05 9.05 -16.45
N ALA A 894 -2.56 7.83 -16.66
CA ALA A 894 -2.86 7.25 -17.99
C ALA A 894 -3.81 8.18 -18.75
N GLN A 895 -4.81 8.75 -18.07
CA GLN A 895 -5.82 9.67 -18.68
C GLN A 895 -5.10 10.90 -19.23
N MET A 896 -4.10 11.41 -18.52
CA MET A 896 -3.33 12.63 -18.89
C MET A 896 -2.41 12.33 -20.07
N PHE A 897 -1.75 11.16 -20.05
CA PHE A 897 -0.76 10.73 -21.08
C PHE A 897 -1.48 10.31 -22.37
N GLY A 898 -2.38 9.31 -22.28
CA GLY A 898 -2.97 8.63 -23.44
C GLY A 898 -3.87 9.52 -24.28
N SER A 899 -4.76 10.28 -23.63
CA SER A 899 -5.83 11.07 -24.27
C SER A 899 -5.58 12.58 -24.11
N PHE A 900 -6.25 13.40 -24.94
CA PHE A 900 -6.22 14.89 -24.89
C PHE A 900 -7.59 15.40 -24.48
N ARG A 904 -8.46 16.97 -18.17
CA ARG A 904 -7.24 16.13 -18.03
C ARG A 904 -5.95 16.98 -18.00
N ALA A 905 -6.02 18.29 -18.26
CA ALA A 905 -4.86 19.20 -18.34
C ALA A 905 -3.89 18.88 -17.22
N PRO A 906 -2.58 18.61 -17.51
CA PRO A 906 -1.62 18.24 -16.47
C PRO A 906 -1.65 19.24 -15.30
N PHE A 907 -1.47 20.54 -15.60
CA PHE A 907 -1.61 21.67 -14.65
C PHE A 907 -2.35 22.84 -15.34
N VAL A 908 -3.27 23.46 -14.61
CA VAL A 908 -4.01 24.68 -15.05
C VAL A 908 -3.43 25.90 -14.30
N LEU A 909 -2.93 26.88 -15.06
CA LEU A 909 -2.42 28.18 -14.54
C LEU A 909 -3.21 29.32 -15.19
N THR A 910 -4.29 29.74 -14.53
CA THR A 910 -5.24 30.79 -15.04
C THR A 910 -4.48 32.10 -15.27
N SER A 911 -4.96 32.92 -16.22
CA SER A 911 -4.41 34.26 -16.54
C SER A 911 -4.47 35.16 -15.29
N ASP A 912 -5.47 34.95 -14.44
CA ASP A 912 -5.61 35.61 -13.12
C ASP A 912 -4.44 35.19 -12.22
N MET A 913 -4.12 33.89 -12.18
CA MET A 913 -2.98 33.31 -11.42
C MET A 913 -1.66 33.88 -11.96
N ALA A 914 -1.57 34.12 -13.27
CA ALA A 914 -0.41 34.75 -13.93
C ALA A 914 -0.34 36.23 -13.55
N TYR A 915 -1.50 36.88 -13.34
CA TYR A 915 -1.59 38.29 -12.88
C TYR A 915 -1.07 38.40 -11.44
N VAL A 916 -1.36 37.40 -10.60
CA VAL A 916 -0.95 37.37 -9.16
C VAL A 916 0.59 37.30 -9.10
N ILE A 917 1.22 36.60 -10.04
CA ILE A 917 2.70 36.62 -10.22
C ILE A 917 3.10 38.07 -10.47
N ASN A 918 3.96 38.62 -9.59
CA ASN A 918 4.36 40.05 -9.57
C ASN A 918 4.48 40.56 -11.01
N GLY A 919 3.74 41.64 -11.34
CA GLY A 919 3.63 42.18 -12.71
C GLY A 919 2.39 41.65 -13.40
N GLY A 920 1.52 42.55 -13.86
CA GLY A 920 0.22 42.22 -14.48
C GLY A 920 0.29 42.20 -15.99
N GLU A 921 -0.02 41.06 -16.60
CA GLU A 921 -0.11 40.86 -18.08
C GLU A 921 1.20 41.32 -18.74
N LYS A 922 2.34 41.02 -18.10
CA LYS A 922 3.68 41.48 -18.52
C LYS A 922 4.70 40.37 -18.28
N PRO A 923 5.67 40.15 -19.19
CA PRO A 923 6.83 39.32 -18.89
C PRO A 923 7.59 39.93 -17.69
N THR A 924 7.85 39.12 -16.67
CA THR A 924 8.47 39.55 -15.39
C THR A 924 9.64 38.61 -15.05
N ILE A 925 10.56 39.08 -14.21
CA ILE A 925 11.72 38.28 -13.71
C ILE A 925 11.20 37.24 -12.71
N ARG A 926 10.10 37.56 -12.01
CA ARG A 926 9.51 36.73 -10.94
C ARG A 926 8.94 35.42 -11.52
N PHE A 927 8.53 35.44 -12.80
CA PHE A 927 7.95 34.25 -13.49
C PHE A 927 9.08 33.26 -13.80
N GLN A 928 10.23 33.76 -14.22
CA GLN A 928 11.46 32.95 -14.47
C GLN A 928 11.93 32.36 -13.14
N LEU A 929 11.83 33.11 -12.04
CA LEU A 929 12.14 32.61 -10.67
C LEU A 929 11.17 31.45 -10.35
N PHE A 930 9.87 31.69 -10.52
CA PHE A 930 8.79 30.68 -10.32
C PHE A 930 9.17 29.39 -11.04
N VAL A 931 9.54 29.48 -12.32
CA VAL A 931 9.95 28.33 -13.18
C VAL A 931 11.15 27.63 -12.54
N ASP A 932 12.17 28.40 -12.12
CA ASP A 932 13.41 27.88 -11.48
C ASP A 932 13.03 27.06 -10.24
N LEU A 933 12.12 27.57 -9.40
CA LEU A 933 11.62 26.87 -8.19
C LEU A 933 10.93 25.56 -8.59
N CYS A 934 10.03 25.61 -9.57
CA CYS A 934 9.29 24.44 -10.10
C CYS A 934 10.29 23.35 -10.52
N CYS A 935 11.25 23.72 -11.35
CA CYS A 935 12.31 22.82 -11.91
C CYS A 935 13.13 22.21 -10.76
N GLN A 936 13.51 23.02 -9.78
CA GLN A 936 14.35 22.61 -8.62
C GLN A 936 13.58 21.58 -7.80
N ALA A 937 12.29 21.82 -7.57
CA ALA A 937 11.36 20.92 -6.84
C ALA A 937 11.23 19.60 -7.60
N TYR A 938 10.97 19.68 -8.91
CA TYR A 938 10.83 18.50 -9.79
C TYR A 938 12.05 17.59 -9.63
N ASN A 939 13.26 18.16 -9.78
CA ASN A 939 14.54 17.43 -9.69
C ASN A 939 14.67 16.78 -8.32
N LEU A 940 14.38 17.52 -7.25
CA LEU A 940 14.53 17.06 -5.83
C LEU A 940 13.60 15.87 -5.55
N ILE A 941 12.44 15.79 -6.22
CA ILE A 941 11.49 14.65 -6.09
C ILE A 941 11.97 13.50 -6.97
N ARG A 942 12.54 13.81 -8.15
CA ARG A 942 13.12 12.82 -9.10
C ARG A 942 14.24 12.04 -8.40
N LYS A 943 14.99 12.67 -7.50
CA LYS A 943 16.11 12.02 -6.76
C LYS A 943 15.56 10.99 -5.76
N GLN A 944 14.28 11.10 -5.40
CA GLN A 944 13.60 10.25 -4.38
C GLN A 944 12.45 9.44 -5.02
N THR A 945 12.44 9.30 -6.35
CA THR A 945 11.46 8.47 -7.11
C THR A 945 11.20 7.14 -6.40
N ASN A 946 12.26 6.45 -5.96
CA ASN A 946 12.20 5.09 -5.37
C ASN A 946 11.34 5.14 -4.09
N LEU A 947 11.60 6.11 -3.20
CA LEU A 947 10.83 6.29 -1.93
C LEU A 947 9.35 6.45 -2.27
N PHE A 948 9.00 7.35 -3.20
CA PHE A 948 7.60 7.61 -3.65
C PHE A 948 6.96 6.31 -4.16
N LEU A 949 7.69 5.61 -5.03
CA LEU A 949 7.20 4.34 -5.65
C LEU A 949 6.95 3.30 -4.56
N ASN A 950 7.89 3.15 -3.62
CA ASN A 950 7.81 2.18 -2.50
C ASN A 950 6.61 2.50 -1.60
N LEU A 951 6.32 3.78 -1.38
CA LEU A 951 5.17 4.22 -0.54
C LEU A 951 3.87 3.83 -1.24
N LEU A 952 3.71 4.18 -2.52
CA LEU A 952 2.52 3.84 -3.32
C LEU A 952 2.38 2.31 -3.39
N SER A 953 3.45 1.57 -3.67
CA SER A 953 3.43 0.09 -3.81
C SER A 953 2.84 -0.56 -2.55
N LEU A 954 3.27 -0.10 -1.38
CA LEU A 954 2.87 -0.67 -0.06
C LEU A 954 1.41 -0.34 0.22
N MET A 955 0.88 0.73 -0.41
CA MET A 955 -0.50 1.22 -0.22
C MET A 955 -1.42 0.66 -1.31
N ILE A 956 -0.91 -0.24 -2.17
CA ILE A 956 -1.71 -0.94 -3.21
C ILE A 956 -2.73 -1.88 -2.53
N PRO A 957 -2.30 -2.73 -1.57
CA PRO A 957 -3.21 -3.71 -0.95
C PRO A 957 -4.42 -3.16 -0.19
N SER A 958 -4.49 -1.84 0.02
CA SER A 958 -5.61 -1.17 0.75
C SER A 958 -6.91 -1.33 -0.04
N GLY A 959 -6.85 -1.45 -1.36
CA GLY A 959 -8.03 -1.52 -2.24
C GLY A 959 -8.48 -0.14 -2.64
N LEU A 960 -7.55 0.82 -2.58
CA LEU A 960 -7.78 2.22 -3.02
C LEU A 960 -7.97 2.20 -4.53
N PRO A 961 -9.01 2.88 -5.08
CA PRO A 961 -9.19 2.99 -6.54
C PRO A 961 -8.22 3.95 -7.23
N GLU A 962 -7.57 3.45 -8.30
CA GLU A 962 -6.49 4.08 -9.11
C GLU A 962 -5.11 3.59 -8.62
N LEU A 963 -5.08 2.82 -7.52
CA LEU A 963 -3.86 2.13 -7.02
C LEU A 963 -4.17 0.67 -6.78
N THR A 964 -4.27 -0.13 -7.85
CA THR A 964 -4.57 -1.58 -7.83
C THR A 964 -3.45 -2.37 -8.54
N SER A 965 -2.76 -1.74 -9.49
CA SER A 965 -1.81 -2.40 -10.44
C SER A 965 -0.41 -1.80 -10.30
N ILE A 966 0.62 -2.61 -10.61
CA ILE A 966 2.05 -2.18 -10.67
C ILE A 966 2.22 -1.17 -11.80
N GLN A 967 1.40 -1.28 -12.86
CA GLN A 967 1.41 -0.34 -14.01
C GLN A 967 1.20 1.09 -13.48
N ASP A 968 0.36 1.28 -12.47
CA ASP A 968 0.08 2.61 -11.86
C ASP A 968 1.39 3.21 -11.34
N LEU A 969 2.24 2.38 -10.71
CA LEU A 969 3.56 2.82 -10.17
C LEU A 969 4.48 3.18 -11.34
N LYS A 970 4.46 2.36 -12.40
CA LYS A 970 5.26 2.56 -13.63
C LYS A 970 4.89 3.92 -14.25
N TYR A 971 3.59 4.22 -14.32
CA TYR A 971 3.07 5.49 -14.90
C TYR A 971 3.67 6.67 -14.12
N VAL A 972 3.67 6.60 -12.79
CA VAL A 972 4.26 7.64 -11.90
C VAL A 972 5.74 7.78 -12.27
N ARG A 973 6.46 6.66 -12.39
CA ARG A 973 7.91 6.61 -12.73
C ARG A 973 8.15 7.29 -14.08
N ASP A 974 7.36 6.93 -15.10
CA ASP A 974 7.47 7.50 -16.46
C ASP A 974 7.24 9.02 -16.39
N ALA A 975 6.31 9.47 -15.55
CA ALA A 975 5.99 10.91 -15.33
C ALA A 975 7.14 11.61 -14.59
N LEU A 976 7.98 10.86 -13.88
CA LEU A 976 9.14 11.39 -13.08
C LEU A 976 10.41 11.41 -13.93
N GLN A 977 10.49 10.61 -15.01
CA GLN A 977 11.64 10.59 -15.95
C GLN A 977 12.96 10.46 -15.19
N PRO A 978 13.17 9.41 -14.37
CA PRO A 978 14.35 9.29 -13.53
C PRO A 978 15.67 9.07 -14.27
N GLN A 979 15.61 8.47 -15.47
CA GLN A 979 16.79 8.22 -16.35
C GLN A 979 17.32 9.56 -16.86
N THR A 980 16.42 10.45 -17.28
CA THR A 980 16.71 11.79 -17.86
C THR A 980 17.60 12.59 -16.91
N THR A 981 18.46 13.46 -17.45
CA THR A 981 19.34 14.36 -16.65
C THR A 981 18.51 15.52 -16.08
N ASP A 982 18.95 16.06 -14.94
CA ASP A 982 18.25 17.17 -14.22
C ASP A 982 17.99 18.31 -15.21
N ALA A 983 18.97 18.66 -16.04
CA ALA A 983 18.91 19.81 -16.97
C ALA A 983 17.83 19.57 -18.03
N GLU A 984 17.78 18.38 -18.63
CA GLU A 984 16.78 18.02 -19.67
C GLU A 984 15.38 18.01 -19.04
N ALA A 985 15.27 17.53 -17.80
CA ALA A 985 14.01 17.53 -17.01
C ALA A 985 13.51 18.96 -16.83
N THR A 986 14.40 19.90 -16.48
CA THR A 986 14.09 21.34 -16.27
C THR A 986 13.55 21.94 -17.58
N ILE A 987 14.09 21.51 -18.73
CA ILE A 987 13.64 21.96 -20.08
C ILE A 987 12.23 21.43 -20.32
N PHE A 988 11.97 20.17 -19.98
CA PHE A 988 10.66 19.50 -20.12
C PHE A 988 9.61 20.24 -19.28
N PHE A 989 9.90 20.51 -18.01
CA PHE A 989 8.93 21.09 -17.05
C PHE A 989 8.68 22.57 -17.40
N THR A 990 9.70 23.29 -17.88
CA THR A 990 9.57 24.70 -18.32
C THR A 990 8.59 24.77 -19.49
N ARG A 991 8.72 23.86 -20.47
CA ARG A 991 7.84 23.82 -21.69
C ARG A 991 6.45 23.34 -21.28
N LEU A 992 6.33 22.59 -20.17
CA LEU A 992 5.02 22.21 -19.57
C LEU A 992 4.34 23.47 -19.04
N ILE A 993 5.09 24.36 -18.39
CA ILE A 993 4.57 25.64 -17.82
C ILE A 993 4.15 26.54 -18.99
N GLU A 994 4.96 26.61 -20.05
CA GLU A 994 4.68 27.41 -21.28
C GLU A 994 3.34 26.97 -21.87
N SER A 995 3.11 25.65 -21.94
CA SER A 995 1.84 25.04 -22.40
C SER A 995 0.67 25.54 -21.54
N SER A 996 0.79 25.43 -20.22
CA SER A 996 -0.29 25.69 -19.23
C SER A 996 -0.92 27.07 -19.49
N LEU A 997 -0.11 28.06 -19.89
CA LEU A 997 -0.57 29.46 -20.14
C LEU A 997 -1.52 29.49 -21.34
N ALA A 1001 -1.89 28.39 -25.55
CA ALA A 1001 -2.90 28.10 -26.61
C ALA A 1001 -3.00 26.59 -26.82
N THR A 1002 -4.06 26.15 -27.52
CA THR A 1002 -4.39 24.73 -27.77
C THR A 1002 -3.29 24.07 -28.62
N LYS A 1003 -2.79 24.81 -29.63
CA LYS A 1003 -1.73 24.35 -30.57
C LYS A 1003 -0.45 23.98 -29.80
N PHE A 1004 -0.06 24.81 -28.82
CA PHE A 1004 1.14 24.59 -27.96
C PHE A 1004 0.87 23.37 -27.07
N ASN A 1005 -0.36 23.27 -26.55
CA ASN A 1005 -0.79 22.18 -25.63
C ASN A 1005 -0.70 20.82 -26.36
N PHE A 1006 -1.21 20.75 -27.59
CA PHE A 1006 -1.20 19.50 -28.41
C PHE A 1006 0.24 19.11 -28.77
N PHE A 1007 1.08 20.09 -29.13
CA PHE A 1007 2.53 19.88 -29.42
C PHE A 1007 3.21 19.27 -28.19
N ILE A 1008 2.98 19.85 -27.01
CA ILE A 1008 3.58 19.37 -25.71
C ILE A 1008 3.04 17.97 -25.40
N HIS A 1009 1.77 17.71 -25.69
CA HIS A 1009 1.11 16.39 -25.49
C HIS A 1009 1.84 15.34 -26.34
N ASN A 1010 2.13 15.67 -27.61
CA ASN A 1010 2.80 14.76 -28.59
C ASN A 1010 4.23 14.47 -28.16
N LEU A 1011 4.95 15.46 -27.60
CA LEU A 1011 6.37 15.31 -27.18
C LEU A 1011 6.46 14.57 -25.84
N ALA A 1012 5.45 14.70 -24.97
CA ALA A 1012 5.37 14.00 -23.66
C ALA A 1012 5.07 12.52 -23.87
N GLN A 1013 4.19 12.19 -24.82
CA GLN A 1013 3.80 10.81 -25.21
C GLN A 1013 5.00 10.11 -25.87
N LEU A 1014 5.63 10.77 -26.85
CA LEU A 1014 6.82 10.25 -27.59
C LEU A 1014 7.95 9.95 -26.61
N ARG A 1015 8.08 10.75 -25.55
CA ARG A 1015 9.21 10.69 -24.58
C ARG A 1015 9.08 9.48 -23.65
N PHE A 1016 7.87 9.23 -23.11
CA PHE A 1016 7.61 8.12 -22.14
C PHE A 1016 7.78 6.78 -22.87
N SER A 1017 7.44 6.74 -24.16
CA SER A 1017 7.62 5.56 -25.06
C SER A 1017 9.12 5.34 -25.32
N LEU A 1027 12.46 -3.84 -36.10
CA LEU A 1027 11.73 -3.19 -37.23
C LEU A 1027 10.75 -2.16 -36.68
N SER A 1028 10.74 -0.96 -37.27
CA SER A 1028 10.00 0.24 -36.76
C SER A 1028 8.49 0.05 -36.94
N PHE A 1029 8.03 -0.01 -38.19
CA PHE A 1029 6.60 -0.01 -38.60
C PHE A 1029 5.91 -1.33 -38.22
N SER A 1030 6.68 -2.35 -37.84
CA SER A 1030 6.18 -3.64 -37.31
C SER A 1030 6.95 -4.00 -36.04
N PRO A 1031 6.40 -3.69 -34.84
CA PRO A 1031 7.08 -3.99 -33.57
C PRO A 1031 7.28 -5.50 -33.39
N LYS A 1032 6.20 -6.27 -33.47
CA LYS A 1032 6.20 -7.75 -33.26
C LYS A 1032 7.04 -8.42 -34.34
N THR A 1033 7.89 -9.36 -33.95
CA THR A 1033 8.72 -10.22 -34.84
C THR A 1033 7.88 -11.43 -35.26
N TYR A 1034 8.04 -11.90 -36.51
CA TYR A 1034 7.33 -13.06 -37.09
C TYR A 1034 8.33 -13.93 -37.86
N SER A 1035 8.18 -15.26 -37.74
CA SER A 1035 8.96 -16.28 -38.47
C SER A 1035 8.07 -16.95 -39.53
N PHE A 1036 8.66 -17.62 -40.51
CA PHE A 1036 7.97 -18.28 -41.64
C PHE A 1036 7.21 -19.51 -41.14
N ARG A 1037 7.50 -19.98 -39.93
CA ARG A 1037 6.88 -21.19 -39.30
C ARG A 1037 5.47 -20.87 -38.82
N GLN A 1038 5.11 -19.58 -38.72
CA GLN A 1038 3.80 -19.10 -38.21
C GLN A 1038 2.92 -18.61 -39.37
N ASP A 1039 3.46 -17.76 -40.25
CA ASP A 1039 2.72 -17.10 -41.36
C ASP A 1039 2.68 -18.01 -42.58
N GLY A 1040 3.71 -18.83 -42.77
CA GLY A 1040 3.83 -19.78 -43.89
C GLY A 1040 4.73 -19.22 -44.98
N ARG A 1041 5.62 -20.08 -45.53
CA ARG A 1041 6.68 -19.70 -46.49
C ARG A 1041 6.05 -18.96 -47.68
N ILE A 1042 6.88 -18.25 -48.45
CA ILE A 1042 6.45 -17.45 -49.63
C ILE A 1042 7.02 -18.07 -50.90
N LYS A 1043 6.19 -18.18 -51.94
CA LYS A 1043 6.53 -18.79 -53.25
C LYS A 1043 6.90 -17.65 -54.22
N GLU A 1044 6.01 -16.67 -54.38
CA GLU A 1044 6.19 -15.54 -55.35
C GLU A 1044 6.00 -14.21 -54.63
N VAL A 1045 6.78 -13.20 -55.04
CA VAL A 1045 6.71 -11.79 -54.55
C VAL A 1045 6.98 -10.87 -55.74
N SER A 1046 6.08 -9.92 -55.99
CA SER A 1046 6.23 -8.86 -57.03
C SER A 1046 5.63 -7.55 -56.51
N VAL A 1047 6.06 -6.42 -57.05
CA VAL A 1047 5.47 -5.08 -56.78
C VAL A 1047 4.41 -4.78 -57.85
N PHE A 1048 3.14 -5.07 -57.56
CA PHE A 1048 2.02 -5.00 -58.53
C PHE A 1048 1.92 -3.59 -59.11
N THR A 1049 1.61 -2.59 -58.26
CA THR A 1049 1.38 -1.18 -58.65
C THR A 1049 1.80 -0.24 -57.51
N TYR A 1050 1.88 1.06 -57.80
CA TYR A 1050 2.29 2.15 -56.87
C TYR A 1050 1.12 3.13 -56.73
N HIS A 1051 0.81 3.52 -55.50
CA HIS A 1051 -0.26 4.49 -55.14
C HIS A 1051 0.37 5.74 -54.52
N LYS A 1052 -0.14 6.92 -54.89
CA LYS A 1052 0.31 8.22 -54.34
C LYS A 1052 -0.53 8.55 -53.10
N LYS A 1053 0.12 8.88 -51.98
CA LYS A 1053 -0.53 9.26 -50.71
C LYS A 1053 0.05 10.60 -50.23
N TYR A 1054 -0.82 11.51 -49.80
CA TYR A 1054 -0.49 12.88 -49.31
C TYR A 1054 -0.36 12.88 -47.78
N ASN A 1055 -1.10 12.01 -47.09
CA ASN A 1055 -1.14 11.95 -45.61
C ASN A 1055 -0.27 10.79 -45.12
N PRO A 1056 0.61 10.98 -44.09
CA PRO A 1056 0.88 12.29 -43.51
C PRO A 1056 1.71 13.20 -44.42
N ASP A 1057 2.67 12.63 -45.16
CA ASP A 1057 3.57 13.35 -46.12
C ASP A 1057 3.27 12.91 -47.55
N LYS A 1058 3.67 13.72 -48.54
CA LYS A 1058 3.45 13.44 -49.99
C LYS A 1058 4.45 12.36 -50.44
N HIS A 1059 4.14 11.09 -50.17
CA HIS A 1059 5.01 9.92 -50.49
C HIS A 1059 4.31 8.98 -51.47
N TYR A 1060 5.03 7.95 -51.94
CA TYR A 1060 4.51 6.84 -52.77
C TYR A 1060 4.59 5.54 -51.99
N ILE A 1061 3.43 4.89 -51.78
CA ILE A 1061 3.32 3.51 -51.23
C ILE A 1061 3.25 2.54 -52.41
N TYR A 1062 3.83 1.34 -52.23
CA TYR A 1062 3.94 0.28 -53.26
C TYR A 1062 3.18 -0.96 -52.80
N VAL A 1063 2.26 -1.43 -53.63
CA VAL A 1063 1.42 -2.63 -53.37
C VAL A 1063 2.26 -3.86 -53.74
N VAL A 1064 2.65 -4.66 -52.75
CA VAL A 1064 3.43 -5.91 -52.95
C VAL A 1064 2.44 -7.08 -52.97
N ARG A 1065 2.47 -7.87 -54.06
CA ARG A 1065 1.68 -9.11 -54.27
C ARG A 1065 2.50 -10.29 -53.73
N ILE A 1066 1.92 -11.03 -52.78
CA ILE A 1066 2.54 -12.22 -52.12
C ILE A 1066 1.67 -13.45 -52.41
N LEU A 1067 2.29 -14.55 -52.84
CA LEU A 1067 1.66 -15.87 -52.95
C LEU A 1067 2.34 -16.82 -51.96
N ARG A 1068 1.58 -17.32 -50.98
CA ARG A 1068 2.07 -18.22 -49.91
C ARG A 1068 2.08 -19.66 -50.43
N GLU A 1069 2.87 -20.53 -49.80
CA GLU A 1069 3.01 -21.96 -50.17
C GLU A 1069 1.72 -22.72 -49.83
N GLY A 1070 1.09 -23.33 -50.83
CA GLY A 1070 -0.15 -24.10 -50.64
C GLY A 1070 -1.39 -23.21 -50.75
N HIS A 1071 -1.25 -21.91 -50.48
CA HIS A 1071 -2.35 -20.91 -50.60
C HIS A 1071 -2.66 -20.67 -52.09
N LEU A 1072 -3.93 -20.82 -52.48
CA LEU A 1072 -4.42 -20.49 -53.84
C LEU A 1072 -4.44 -18.97 -54.02
N GLU A 1073 -5.13 -18.26 -53.12
CA GLU A 1073 -5.39 -16.80 -53.19
C GLU A 1073 -4.12 -16.05 -52.82
N PRO A 1074 -3.83 -14.91 -53.49
CA PRO A 1074 -2.68 -14.08 -53.15
C PRO A 1074 -3.06 -12.97 -52.16
N SER A 1075 -2.26 -12.77 -51.13
CA SER A 1075 -2.37 -11.64 -50.18
C SER A 1075 -1.75 -10.40 -50.82
N PHE A 1076 -1.85 -9.26 -50.14
CA PHE A 1076 -1.23 -7.97 -50.53
C PHE A 1076 -0.76 -7.24 -49.28
N VAL A 1077 0.42 -6.62 -49.35
CA VAL A 1077 0.95 -5.69 -48.32
C VAL A 1077 1.31 -4.37 -49.00
N PHE A 1078 1.25 -3.27 -48.25
CA PHE A 1078 1.50 -1.88 -48.74
C PHE A 1078 2.69 -1.32 -47.96
N ARG A 1079 3.81 -1.09 -48.66
CA ARG A 1079 5.11 -0.65 -48.08
C ARG A 1079 5.64 0.56 -48.85
N THR A 1080 6.00 1.62 -48.11
CA THR A 1080 6.63 2.86 -48.64
C THR A 1080 8.12 2.62 -48.86
N PHE A 1081 8.74 3.37 -49.77
CA PHE A 1081 10.17 3.25 -50.15
C PHE A 1081 11.06 3.36 -48.90
N ASP A 1082 10.64 4.14 -47.91
CA ASP A 1082 11.37 4.34 -46.63
C ASP A 1082 11.32 3.04 -45.82
N GLU A 1083 10.21 2.31 -45.89
CA GLU A 1083 10.00 1.03 -45.17
C GLU A 1083 10.85 -0.07 -45.82
N PHE A 1084 11.20 0.07 -47.10
CA PHE A 1084 12.14 -0.82 -47.84
C PHE A 1084 13.58 -0.46 -47.44
N GLN A 1085 13.91 0.84 -47.44
CA GLN A 1085 15.25 1.38 -47.08
C GLN A 1085 15.64 0.85 -45.70
N GLU A 1086 14.73 0.94 -44.72
CA GLU A 1086 14.94 0.47 -43.32
C GLU A 1086 15.33 -1.01 -43.35
N LEU A 1087 14.62 -1.83 -44.15
CA LEU A 1087 14.84 -3.30 -44.20
C LEU A 1087 16.24 -3.58 -44.75
N HIS A 1088 16.63 -2.96 -45.87
CA HIS A 1088 17.97 -3.13 -46.50
C HIS A 1088 19.06 -2.82 -45.47
N ASN A 1089 18.87 -1.75 -44.67
CA ASN A 1089 19.84 -1.29 -43.65
C ASN A 1089 19.83 -2.27 -42.46
N LYS A 1090 18.67 -2.85 -42.15
CA LYS A 1090 18.49 -3.82 -41.02
C LYS A 1090 19.18 -5.14 -41.33
N LEU A 1091 19.13 -5.60 -42.59
CA LEU A 1091 19.70 -6.90 -43.04
C LEU A 1091 21.22 -6.78 -43.25
N SER A 1092 21.73 -5.58 -43.52
CA SER A 1092 23.16 -5.28 -43.80
C SER A 1092 24.01 -5.44 -42.52
N ILE A 1093 23.38 -5.47 -41.35
CA ILE A 1093 24.07 -5.62 -40.03
C ILE A 1093 24.42 -7.11 -39.83
N ILE A 1094 23.53 -8.03 -40.24
CA ILE A 1094 23.72 -9.50 -40.08
C ILE A 1094 24.52 -10.01 -41.28
N PHE A 1095 23.94 -9.95 -42.48
CA PHE A 1095 24.51 -10.51 -43.73
C PHE A 1095 25.49 -9.51 -44.34
N PRO A 1096 26.51 -9.97 -45.10
CA PRO A 1096 27.41 -9.07 -45.82
C PRO A 1096 26.74 -8.43 -47.05
N LEU A 1097 27.35 -7.38 -47.60
CA LEU A 1097 26.80 -6.57 -48.71
C LEU A 1097 26.88 -7.33 -50.04
N TRP A 1098 27.83 -8.26 -50.19
CA TRP A 1098 28.06 -9.02 -51.45
C TRP A 1098 26.98 -10.10 -51.63
N LYS A 1099 26.47 -10.65 -50.52
CA LYS A 1099 25.43 -11.73 -50.53
C LYS A 1099 24.03 -11.12 -50.72
N LEU A 1100 23.78 -9.96 -50.12
CA LEU A 1100 22.51 -9.19 -50.28
C LEU A 1100 22.52 -8.48 -51.62
N PRO A 1101 21.36 -8.31 -52.29
CA PRO A 1101 21.28 -7.54 -53.54
C PRO A 1101 21.51 -6.04 -53.31
N GLY A 1102 21.90 -5.32 -54.37
CA GLY A 1102 22.10 -3.86 -54.34
C GLY A 1102 20.79 -3.12 -54.20
N PHE A 1103 20.76 -2.04 -53.40
CA PHE A 1103 19.57 -1.19 -53.19
C PHE A 1103 19.66 0.05 -54.09
N PRO A 1104 18.56 0.47 -54.75
CA PRO A 1104 18.57 1.65 -55.61
C PRO A 1104 18.98 2.94 -54.86
N ASN A 1105 19.67 3.86 -55.54
CA ASN A 1105 20.16 5.15 -54.97
C ASN A 1105 18.95 6.06 -54.70
N GLY A 1110 15.86 13.09 -58.63
CA GLY A 1110 16.92 13.88 -59.27
C GLY A 1110 16.59 14.25 -60.71
N ARG A 1111 16.42 13.24 -61.57
CA ARG A 1111 16.11 13.38 -63.02
C ARG A 1111 14.68 12.92 -63.29
N THR A 1112 14.21 13.11 -64.55
CA THR A 1112 12.84 12.80 -65.03
C THR A 1112 11.82 13.59 -64.17
N HIS A 1113 10.76 12.92 -63.72
CA HIS A 1113 9.69 13.48 -62.85
C HIS A 1113 9.51 12.61 -61.61
N ILE A 1114 8.66 13.04 -60.68
CA ILE A 1114 8.41 12.33 -59.39
C ILE A 1114 7.59 11.07 -59.68
N LYS A 1115 6.62 11.16 -60.62
CA LYS A 1115 5.72 10.05 -61.03
C LYS A 1115 6.51 9.03 -61.88
N ASP A 1116 7.41 9.51 -62.74
CA ASP A 1116 8.28 8.65 -63.59
C ASP A 1116 9.31 7.93 -62.70
N VAL A 1117 9.83 8.60 -61.67
CA VAL A 1117 10.80 8.02 -60.69
C VAL A 1117 10.09 6.92 -59.89
N ALA A 1118 8.84 7.14 -59.50
CA ALA A 1118 7.99 6.18 -58.75
C ALA A 1118 7.65 4.98 -59.65
N ALA A 1119 7.37 5.23 -60.94
CA ALA A 1119 7.02 4.20 -61.95
C ALA A 1119 8.24 3.31 -62.24
N LYS A 1120 9.46 3.87 -62.16
CA LYS A 1120 10.71 3.11 -62.41
C LYS A 1120 11.15 2.40 -61.12
N ARG A 1121 10.95 3.02 -59.95
CA ARG A 1121 11.28 2.43 -58.63
C ARG A 1121 10.41 1.17 -58.39
N LYS A 1122 9.18 1.17 -58.89
CA LYS A 1122 8.28 -0.01 -58.86
C LYS A 1122 9.07 -1.22 -59.39
N ILE A 1123 9.59 -1.11 -60.62
CA ILE A 1123 10.29 -2.20 -61.37
C ILE A 1123 11.64 -2.49 -60.71
N GLU A 1124 12.32 -1.47 -60.18
CA GLU A 1124 13.65 -1.60 -59.53
C GLU A 1124 13.50 -2.32 -58.18
N LEU A 1125 12.44 -2.03 -57.41
CA LEU A 1125 12.14 -2.70 -56.13
C LEU A 1125 11.69 -4.15 -56.42
N ASN A 1126 10.91 -4.37 -57.48
CA ASN A 1126 10.47 -5.71 -57.97
C ASN A 1126 11.69 -6.55 -58.34
N SER A 1127 12.71 -5.94 -58.93
CA SER A 1127 14.01 -6.58 -59.30
C SER A 1127 14.83 -6.86 -58.04
N TYR A 1128 14.82 -5.94 -57.06
CA TYR A 1128 15.53 -6.10 -55.77
C TYR A 1128 14.93 -7.27 -54.97
N LEU A 1129 13.60 -7.37 -54.91
CA LEU A 1129 12.88 -8.44 -54.16
C LEU A 1129 13.17 -9.80 -54.82
N GLN A 1130 12.97 -9.90 -56.14
CA GLN A 1130 13.25 -11.12 -56.94
C GLN A 1130 14.69 -11.58 -56.67
N SER A 1131 15.64 -10.65 -56.61
CA SER A 1131 17.09 -10.91 -56.37
C SER A 1131 17.33 -11.29 -54.90
N LEU A 1132 16.42 -10.91 -53.99
CA LEU A 1132 16.57 -11.15 -52.53
C LEU A 1132 16.01 -12.52 -52.15
N MET A 1133 14.93 -12.95 -52.82
CA MET A 1133 14.21 -14.21 -52.47
C MET A 1133 14.81 -15.41 -53.23
N ASN A 1134 15.81 -15.19 -54.09
CA ASN A 1134 16.46 -16.25 -54.92
C ASN A 1134 17.99 -16.23 -54.77
N ALA A 1135 18.54 -15.49 -53.80
CA ALA A 1135 20.00 -15.39 -53.55
C ALA A 1135 20.47 -16.65 -52.82
N SER A 1136 19.89 -16.92 -51.65
CA SER A 1136 20.17 -18.12 -50.81
C SER A 1136 18.96 -18.40 -49.91
N THR A 1137 19.00 -19.52 -49.18
CA THR A 1137 17.91 -20.00 -48.28
C THR A 1137 18.01 -19.29 -46.93
N ASP A 1138 19.22 -18.98 -46.47
CA ASP A 1138 19.47 -18.29 -45.18
C ASP A 1138 18.88 -16.87 -45.23
N VAL A 1139 18.99 -16.20 -46.38
CA VAL A 1139 18.58 -14.77 -46.57
C VAL A 1139 17.06 -14.69 -46.81
N ALA A 1140 16.53 -15.51 -47.72
CA ALA A 1140 15.12 -15.51 -48.16
C ALA A 1140 14.19 -16.00 -47.03
N GLU A 1141 14.73 -16.67 -46.01
CA GLU A 1141 13.93 -17.24 -44.88
C GLU A 1141 14.28 -16.56 -43.56
N CYS A 1142 15.00 -15.43 -43.59
CA CYS A 1142 15.31 -14.60 -42.40
C CYS A 1142 14.00 -14.07 -41.80
N ASP A 1143 13.98 -13.81 -40.49
CA ASP A 1143 12.76 -13.42 -39.73
C ASP A 1143 12.36 -11.97 -40.06
N LEU A 1144 13.32 -11.11 -40.38
CA LEU A 1144 13.06 -9.71 -40.81
C LEU A 1144 12.25 -9.72 -42.11
N VAL A 1145 12.58 -10.63 -43.03
CA VAL A 1145 11.95 -10.75 -44.38
C VAL A 1145 10.46 -11.12 -44.21
N CYS A 1146 10.17 -12.16 -43.42
CA CYS A 1146 8.78 -12.60 -43.10
C CYS A 1146 8.03 -11.42 -42.49
N THR A 1147 8.62 -10.79 -41.46
CA THR A 1147 8.03 -9.65 -40.70
C THR A 1147 7.66 -8.54 -41.69
N PHE A 1148 8.56 -8.21 -42.61
CA PHE A 1148 8.37 -7.14 -43.62
C PHE A 1148 7.10 -7.41 -44.45
N PHE A 1149 6.79 -8.68 -44.73
CA PHE A 1149 5.64 -9.12 -45.57
C PHE A 1149 4.45 -9.55 -44.69
N HIS A 1150 4.51 -9.29 -43.38
CA HIS A 1150 3.44 -9.64 -42.41
C HIS A 1150 2.27 -8.68 -42.58
N PRO A 1151 1.01 -9.17 -42.49
CA PRO A 1151 -0.17 -8.29 -42.52
C PRO A 1151 -0.23 -7.29 -41.36
N LEU A 1152 -0.57 -6.03 -41.65
CA LEU A 1152 -0.74 -4.92 -40.68
C LEU A 1152 -2.06 -4.20 -40.99
N LEU A 1153 -2.34 -3.09 -40.29
CA LEU A 1153 -3.57 -2.27 -40.48
C LEU A 1153 -3.52 -1.55 -41.82
N ARG A 1154 -2.34 -1.08 -42.23
CA ARG A 1154 -2.11 -0.40 -43.53
C ARG A 1154 -2.28 -1.41 -44.68
N ASP A 1155 -2.05 -2.70 -44.40
CA ASP A 1155 -2.14 -3.81 -45.39
C ASP A 1155 -3.58 -4.32 -45.47
N GLU A 1156 -4.21 -4.61 -44.33
CA GLU A 1156 -5.61 -5.09 -44.26
C GLU A 1156 -6.55 -3.96 -44.69
N LYS A 1157 -7.12 -4.07 -45.90
CA LYS A 1157 -8.10 -3.12 -46.49
C LYS A 1157 -7.45 -1.73 -46.59
C1 EDO B . 11.40 -7.87 21.27
O1 EDO B . 12.21 -8.29 20.19
C2 EDO B . 11.89 -8.35 22.58
O2 EDO B . 11.01 -8.06 23.66
O5 17G C . -16.14 26.42 1.67
C27 17G C . -15.18 26.32 2.37
N8 17G C . -14.39 25.08 2.37
C19 17G C . -14.88 24.05 1.45
C21 17G C . -14.47 24.06 0.14
C18 17G C . -14.93 23.09 -0.76
C15 17G C . -15.81 22.12 -0.32
C20 17G C . -15.78 23.08 1.90
C16 17G C . -16.24 22.11 0.99
C24 17G C . -17.22 21.03 1.47
F3 17G C . -17.29 21.03 2.82
F2 17G C . -16.78 19.83 1.03
F1 17G C . -18.44 21.27 0.94
C32 17G C . -14.80 27.46 3.23
C31 17G C . -13.62 27.33 4.08
C26 17G C . -12.78 26.03 4.07
C34 17G C . -11.67 26.01 4.92
N9 17G C . -10.88 24.91 4.98
C23 17G C . -13.11 24.93 3.27
C25 17G C . -12.27 23.78 3.34
C30 17G C . -12.48 22.58 2.59
C33 17G C . -11.62 21.47 2.69
C36 17G C . -10.53 21.53 3.58
C35 17G C . -10.30 22.68 4.32
C29 17G C . -11.17 23.79 4.20
C37 17G C . -11.67 20.07 1.97
C39 17G C . -10.81 19.00 2.26
C38 17G C . -12.60 19.90 0.98
C40 17G C . -12.69 18.72 0.30
C41 17G C . -11.84 17.66 0.61
N10 17G C . -10.91 17.83 1.57
N43 17G C . -11.93 16.40 -0.10
I IOD D . -3.27 -37.35 2.66
I IOD E . -13.54 28.18 7.90
I IOD F . 0.90 32.07 35.30
I IOD G . 24.00 3.34 -2.34
I IOD H . 3.15 -33.41 2.72
#